data_8F7D
#
_entry.id   8F7D
#
_cell.length_a   1.00
_cell.length_b   1.00
_cell.length_c   1.00
_cell.angle_alpha   90.00
_cell.angle_beta   90.00
_cell.angle_gamma   90.00
#
_symmetry.space_group_name_H-M   'P 1'
#
loop_
_entity.id
_entity.type
_entity.pdbx_description
1 polymer 'Volume-regulated anion channel subunit LRRC8A,Soluble cytochrome b562'
2 polymer 'Volume-regulated anion channel subunit LRRC8C'
#
loop_
_entity_poly.entity_id
_entity_poly.type
_entity_poly.pdbx_seq_one_letter_code
_entity_poly.pdbx_strand_id
1 'polypeptide(L)'
;MIPVTELRYFADTQPAYRILKPWWDVFTDYISIVMLMIAVFGGTLQVDQDKMICLPCKWVTKDSCNDSFRGWAASSADLE
DNWETLNDNLKVIEKADNAAQVKDALTKMRAAALDAQKATPPKLEDKSPDSPEMKDFRHGFDILVGQIDDALKLANEGKV
KEAQAAAEQLKTTRNAYIQKYLDTGPTGIKYDLDRHQYNYVDAVCYENRLHWFAKYFPYLVLLHTLIFLACSNFWFKFPR
TSSKLEHFVSILLKCFDSPWTTRALSETVVEESDPKPAFSKMNGSMDKKSSTVSEDVEATVPMLQRTKSRIEQGIVDRSE
TGVLDKKEGEQAKALFEKVKKFRTHVEEGDIVYRLYMRQTIIKVIKFALIICYTVYYVHNIKFDVDCTVDIESLTGYRTY
RCAHPLATLFKILASFYISLVIFYGLICMYTLWWMLRRSLKKYSFESIREESSYSDIPDVKNDFAFMLHLIDQYDPLYSK
RFAVFLSEVSENKLRQLNLNNEWTLDKLRQRLTKNAQDKLELHLFMLSGIPDTVFDLVELEVLKLELIPDVTIPPSIAQL
TGLKELWLYHTAAKIEAPALAFLRENLRALHIKFTDIKEIPLWIYSLKTLEELHLTGNLSAENNRYIVIDGLRELKRLKV
LRLKSNLSKLPQVVTDVGVHLQKLSINNEGTKLIVLNSLKKMVNLTELELIRCDLERIPHSIFSLHNLQEIDLKDNNLKT
IEEIISFQHLHRLTCLKLWYNHIAYIPIQIGNLTNLERLYLNRNKIEKIPTQLFYCRKLRYLDLSHNNLTFLPADIGLLQ
NLQNLAVTANRIEALPPELFQCRKLRALHLGNNVLQSLPSRVGELTNLTQIELRGNRLECLPVELGECPLLKRSGLVVEE
DLFSTLPPEVKERLWRADKEQASNSLEVLFQ
;
A
2 'polypeptide(L)'
;MIPVTEFRQFSEQQPAFRVLKPWWDVFTDYLSVAMLMIGVFGCTLQVMQDKIICLPKRVQPAQNHSSVPNVSQAVISTTP
LPPPKPSPTNPATVEMKGLKTDLDLQQYSFINQMCYERALHWYAKYFPYLVLIHTLVFMLCSNFWFKFPGSSSKIEHFIS
ILGKCFDSPWTTRALSEVSGEDSEEKDNRKNNMNRSGTIQSGPEGNLVRSQSLKSIPEKFVVDKSAAGALDKKEGEQAKA
LFEKVKKFRLHVEEGDILYAMYVRQTVLKVIKFLIIIAYNSALVSKVQFTVDCNVDIQDMTGYKNFSCNHTMAHLFSKLS
FCYLCFVSIYGLTCLYTLYWLFYRSLREYSFEYVRQETGIDDIPDVKNDFAFMLHMIDQYDPLYSKRFAVFLSEVSENKL
KQLNLNNEWTPDKLRQKLQTNAHNRLELPLIMLSGLPDTVFEITELQSLKLEIIKNVMIPATIAQLDNLQELCLHQCSVK
IHSAALSFLKENLKVLSVKFDDMRELPPWMYGLRNLEELYLVGSLSHDISKNVTLESLRDLKSLKILSIKSNVSKIPQAV
VDVSSHLQKMCVHNDGTKLVMLNNLKKMTNLTELELVHCDLERIPHAVFSLLSLQELDLKENNLKSIEEIVSFQHLRKLT
VLKLWYNSIAYIPEHIKKLTSLERLFFSHNKVEVLPSHLFLCNKIRYLDLSYNDIRFIPPEIGVLQSLQYFSITCNKVES
LPDELYFCKKLKTLKIGKNSLSVLSPKIGNLLFLSYLDIKGNHFEVLPPELGDCRALKRAGLVVEDALFETLPSDVREQM
KADSNSENLYFQG
;
F
#
# COMPACT_ATOMS: atom_id res chain seq x y z
N LEU A 494 -42.78 29.62 -0.25
CA LEU A 494 -43.20 28.31 0.30
C LEU A 494 -41.99 27.36 0.32
N ARG A 495 -41.20 27.33 -0.75
CA ARG A 495 -40.04 26.41 -0.83
C ARG A 495 -39.06 26.75 0.31
N GLN A 496 -38.72 28.03 0.48
CA GLN A 496 -37.72 28.41 1.52
C GLN A 496 -38.29 28.09 2.90
N LEU A 497 -39.57 28.40 3.13
CA LEU A 497 -40.21 28.12 4.45
C LEU A 497 -40.21 26.61 4.69
N ASN A 498 -40.53 25.83 3.65
CA ASN A 498 -40.53 24.34 3.78
C ASN A 498 -39.11 23.86 4.06
N LEU A 499 -38.11 24.44 3.39
CA LEU A 499 -36.69 24.02 3.57
C LEU A 499 -36.28 24.29 5.03
N ASN A 500 -36.70 25.43 5.58
CA ASN A 500 -36.39 25.75 7.01
C ASN A 500 -36.96 24.64 7.90
N ASN A 501 -38.18 24.18 7.59
CA ASN A 501 -38.82 23.10 8.39
C ASN A 501 -38.13 21.76 8.12
N GLU A 502 -37.87 21.44 6.85
CA GLU A 502 -37.25 20.13 6.49
C GLU A 502 -35.86 20.03 7.11
N TRP A 503 -34.94 20.89 6.69
CA TRP A 503 -33.59 20.91 7.30
C TRP A 503 -33.69 21.61 8.66
N THR A 504 -33.79 20.85 9.74
CA THR A 504 -33.93 21.44 11.10
C THR A 504 -32.55 21.63 11.73
N LEU A 505 -32.47 22.44 12.79
CA LEU A 505 -31.18 22.68 13.47
C LEU A 505 -30.63 21.36 14.02
N ASP A 506 -31.50 20.50 14.55
CA ASP A 506 -31.04 19.23 15.17
C ASP A 506 -30.34 18.36 14.12
N LYS A 507 -30.99 18.10 12.98
CA LYS A 507 -30.38 17.20 11.95
C LYS A 507 -29.09 17.85 11.43
N LEU A 508 -29.05 19.18 11.38
CA LEU A 508 -27.86 19.90 10.88
C LEU A 508 -26.71 19.80 11.90
N ARG A 509 -27.04 19.75 13.19
CA ARG A 509 -25.99 19.55 14.23
C ARG A 509 -25.29 18.23 13.93
N GLN A 510 -26.04 17.20 13.52
CA GLN A 510 -25.42 15.90 13.13
C GLN A 510 -24.69 16.08 11.79
N ARG A 511 -25.25 16.88 10.87
CA ARG A 511 -24.63 17.11 9.54
C ARG A 511 -23.25 17.75 9.71
N LEU A 512 -23.05 18.54 10.77
CA LEU A 512 -21.74 19.20 11.03
C LEU A 512 -20.61 18.17 11.03
N THR A 513 -19.57 18.39 10.23
CA THR A 513 -18.39 17.49 10.20
C THR A 513 -17.12 18.34 10.42
N LYS A 514 -15.94 17.75 10.24
CA LYS A 514 -14.67 18.52 10.37
C LYS A 514 -13.76 18.22 9.16
N ASN A 515 -13.02 19.24 8.70
CA ASN A 515 -12.15 19.06 7.50
C ASN A 515 -10.72 18.68 7.92
N ALA A 516 -9.77 18.71 6.98
CA ALA A 516 -8.37 18.39 7.28
C ALA A 516 -7.78 19.45 8.22
N GLN A 517 -8.31 20.69 8.15
CA GLN A 517 -7.83 21.78 9.04
C GLN A 517 -8.55 21.69 10.39
N ASP A 518 -9.27 20.59 10.63
CA ASP A 518 -9.99 20.39 11.92
C ASP A 518 -10.93 21.57 12.18
N LYS A 519 -11.81 21.87 11.22
CA LYS A 519 -12.74 23.02 11.35
C LYS A 519 -14.18 22.53 11.20
N LEU A 520 -15.05 22.87 12.17
CA LEU A 520 -16.48 22.46 12.10
C LEU A 520 -17.09 22.98 10.80
N GLU A 521 -17.73 22.12 10.01
CA GLU A 521 -18.23 22.56 8.68
C GLU A 521 -19.50 21.80 8.29
N LEU A 522 -20.37 22.44 7.48
CA LEU A 522 -21.56 21.71 6.97
C LEU A 522 -21.55 21.80 5.44
N HIS A 523 -21.78 20.67 4.77
CA HIS A 523 -21.77 20.65 3.28
C HIS A 523 -23.20 20.78 2.77
N LEU A 524 -23.54 21.92 2.17
CA LEU A 524 -24.89 22.10 1.59
C LEU A 524 -24.85 21.69 0.12
N PHE A 525 -25.33 20.48 -0.20
CA PHE A 525 -25.34 19.98 -1.59
C PHE A 525 -26.79 20.03 -2.10
N MET A 526 -27.02 20.35 -3.38
CA MET A 526 -28.40 20.52 -3.88
C MET A 526 -29.35 21.01 -2.79
N LEU A 527 -29.14 22.23 -2.30
CA LEU A 527 -30.16 22.92 -1.53
C LEU A 527 -30.74 24.08 -2.34
N SER A 528 -32.03 24.31 -2.12
CA SER A 528 -32.72 25.40 -2.81
C SER A 528 -32.15 26.74 -2.42
N GLY A 529 -31.83 26.92 -1.14
CA GLY A 529 -31.17 28.09 -0.60
C GLY A 529 -30.43 27.68 0.66
N ILE A 530 -30.04 28.64 1.49
CA ILE A 530 -29.48 28.34 2.81
C ILE A 530 -30.63 28.35 3.81
N PRO A 531 -30.92 27.24 4.47
CA PRO A 531 -31.95 27.25 5.51
C PRO A 531 -31.58 28.19 6.65
N ASP A 532 -32.61 28.78 7.27
CA ASP A 532 -32.37 29.62 8.43
C ASP A 532 -31.83 28.81 9.61
N THR A 533 -32.15 27.52 9.65
CA THR A 533 -31.56 26.63 10.65
C THR A 533 -30.05 26.52 10.47
N VAL A 534 -29.56 26.67 9.24
CA VAL A 534 -28.12 26.68 9.01
C VAL A 534 -27.50 27.95 9.58
N PHE A 535 -28.15 29.09 9.35
CA PHE A 535 -27.60 30.35 9.82
C PHE A 535 -27.74 30.51 11.33
N ASP A 536 -28.66 29.75 11.94
CA ASP A 536 -28.87 29.82 13.41
C ASP A 536 -27.61 29.29 14.10
N LEU A 537 -26.95 28.30 13.49
CA LEU A 537 -25.71 27.73 14.03
C LEU A 537 -24.67 28.82 14.23
N VAL A 538 -24.04 28.81 15.42
CA VAL A 538 -23.04 29.82 15.76
C VAL A 538 -21.64 29.25 15.89
N GLU A 539 -21.49 27.92 16.00
CA GLU A 539 -20.18 27.30 16.09
C GLU A 539 -19.59 26.95 14.73
N LEU A 540 -20.26 27.34 13.63
CA LEU A 540 -19.80 26.99 12.29
C LEU A 540 -18.51 27.73 11.94
N GLU A 541 -17.59 27.00 11.34
CA GLU A 541 -16.35 27.57 10.85
C GLU A 541 -16.26 27.61 9.33
N VAL A 542 -16.74 26.59 8.64
CA VAL A 542 -16.66 26.52 7.19
C VAL A 542 -18.07 26.23 6.67
N LEU A 543 -18.64 27.17 5.90
CA LEU A 543 -19.96 26.98 5.32
C LEU A 543 -19.76 26.69 3.84
N LYS A 544 -20.36 25.59 3.38
CA LYS A 544 -20.11 25.07 2.04
C LYS A 544 -21.34 25.30 1.17
N LEU A 545 -21.40 26.45 0.54
CA LEU A 545 -22.45 26.73 -0.44
C LEU A 545 -22.02 26.14 -1.78
N GLU A 546 -22.33 24.87 -2.00
CA GLU A 546 -21.96 24.17 -3.23
C GLU A 546 -23.22 23.84 -4.02
N LEU A 547 -23.28 24.36 -5.25
CA LEU A 547 -24.40 24.13 -6.17
C LEU A 547 -25.73 24.54 -5.55
N ILE A 548 -25.76 25.73 -4.96
CA ILE A 548 -26.98 26.32 -4.42
C ILE A 548 -27.45 27.37 -5.42
N PRO A 549 -28.56 27.15 -6.14
CA PRO A 549 -28.88 28.01 -7.28
C PRO A 549 -29.24 29.45 -6.91
N ASP A 550 -28.32 30.37 -7.22
CA ASP A 550 -28.54 31.82 -7.12
C ASP A 550 -29.09 32.26 -5.77
N VAL A 551 -28.49 31.76 -4.69
CA VAL A 551 -29.03 32.02 -3.36
C VAL A 551 -28.68 33.44 -2.92
N THR A 552 -29.68 34.14 -2.36
CA THR A 552 -29.50 35.47 -1.80
C THR A 552 -29.09 35.30 -0.32
N ILE A 553 -27.95 35.86 0.04
CA ILE A 553 -27.46 35.79 1.42
C ILE A 553 -28.20 36.83 2.25
N PRO A 554 -28.92 36.41 3.29
CA PRO A 554 -29.61 37.37 4.15
C PRO A 554 -28.67 37.93 5.20
N PRO A 555 -29.06 39.02 5.88
CA PRO A 555 -28.20 39.58 6.95
C PRO A 555 -28.01 38.64 8.14
N SER A 556 -28.86 37.62 8.30
CA SER A 556 -28.75 36.66 9.40
C SER A 556 -27.44 35.87 9.39
N ILE A 557 -26.61 36.03 8.35
CA ILE A 557 -25.25 35.51 8.37
C ILE A 557 -24.43 36.12 9.50
N ALA A 558 -24.87 37.26 10.05
CA ALA A 558 -24.22 37.82 11.23
C ALA A 558 -24.34 36.89 12.42
N GLN A 559 -25.36 36.03 12.43
CA GLN A 559 -25.45 35.01 13.48
C GLN A 559 -24.28 34.04 13.42
N LEU A 560 -23.74 33.79 12.23
CA LEU A 560 -22.56 32.95 12.08
C LEU A 560 -21.34 33.72 12.55
N THR A 561 -21.16 33.80 13.87
CA THR A 561 -20.10 34.65 14.41
C THR A 561 -18.73 34.06 14.13
N GLY A 562 -18.60 32.73 14.20
CA GLY A 562 -17.33 32.07 13.97
C GLY A 562 -16.97 31.90 12.51
N LEU A 563 -17.86 32.32 11.60
CA LEU A 563 -17.68 32.04 10.17
C LEU A 563 -16.43 32.70 9.63
N LYS A 564 -15.51 31.87 9.15
CA LYS A 564 -14.27 32.32 8.54
C LYS A 564 -14.02 31.77 7.16
N GLU A 565 -14.65 30.65 6.79
CA GLU A 565 -14.40 29.99 5.51
C GLU A 565 -15.69 29.77 4.76
N LEU A 566 -15.73 30.21 3.51
CA LEU A 566 -16.87 30.02 2.62
C LEU A 566 -16.33 29.42 1.33
N TRP A 567 -16.88 28.28 0.89
CA TRP A 567 -16.45 27.72 -0.39
C TRP A 567 -17.63 27.76 -1.35
N LEU A 568 -17.75 28.86 -2.11
CA LEU A 568 -18.82 29.01 -3.09
C LEU A 568 -18.46 28.21 -4.33
N TYR A 569 -18.96 26.98 -4.40
CA TYR A 569 -18.70 26.07 -5.52
C TYR A 569 -19.89 26.13 -6.46
N HIS A 570 -19.72 26.84 -7.58
CA HIS A 570 -20.78 27.04 -8.58
C HIS A 570 -22.03 27.61 -7.95
N THR A 571 -21.85 28.56 -7.04
CA THR A 571 -22.93 29.16 -6.26
C THR A 571 -22.76 30.67 -6.28
N ALA A 572 -23.53 31.33 -7.14
CA ALA A 572 -23.51 32.79 -7.18
C ALA A 572 -24.21 33.34 -5.95
N ALA A 573 -23.51 34.16 -5.17
CA ALA A 573 -24.00 34.69 -3.91
C ALA A 573 -24.51 36.11 -4.11
N LYS A 574 -25.81 36.30 -3.89
CA LYS A 574 -26.44 37.62 -3.90
C LYS A 574 -26.43 38.14 -2.48
N ILE A 575 -25.86 39.32 -2.27
CA ILE A 575 -25.62 39.84 -0.92
C ILE A 575 -26.05 41.29 -0.86
N GLU A 576 -26.33 41.75 0.35
CA GLU A 576 -26.70 43.13 0.64
C GLU A 576 -25.73 43.72 1.66
N ALA A 577 -25.96 45.00 2.01
CA ALA A 577 -25.02 45.81 2.78
C ALA A 577 -24.69 45.29 4.19
N PRO A 578 -25.65 44.90 5.04
CA PRO A 578 -25.26 44.42 6.38
C PRO A 578 -24.47 43.10 6.34
N ALA A 579 -24.92 42.15 5.53
CA ALA A 579 -24.16 40.90 5.36
C ALA A 579 -22.80 41.18 4.75
N LEU A 580 -22.73 42.15 3.83
CA LEU A 580 -21.45 42.57 3.29
C LEU A 580 -20.52 43.10 4.37
N ALA A 581 -21.05 43.94 5.27
CA ALA A 581 -20.23 44.48 6.35
C ALA A 581 -19.74 43.39 7.28
N PHE A 582 -20.63 42.44 7.61
CA PHE A 582 -20.25 41.35 8.50
C PHE A 582 -19.17 40.48 7.87
N LEU A 583 -19.30 40.20 6.57
CA LEU A 583 -18.28 39.40 5.89
C LEU A 583 -16.97 40.17 5.75
N ARG A 584 -17.04 41.48 5.51
CA ARG A 584 -15.82 42.27 5.41
C ARG A 584 -15.09 42.33 6.74
N GLU A 585 -15.82 42.33 7.86
CA GLU A 585 -15.21 42.44 9.17
C GLU A 585 -14.88 41.07 9.79
N ASN A 586 -15.41 39.97 9.27
CA ASN A 586 -15.19 38.67 9.90
C ASN A 586 -14.47 37.67 9.00
N LEU A 587 -15.00 37.49 7.79
CA LEU A 587 -14.57 36.45 6.85
C LEU A 587 -13.12 36.67 6.42
N ARG A 588 -12.33 35.59 6.40
CA ARG A 588 -10.91 35.69 6.09
C ARG A 588 -10.42 34.70 5.03
N ALA A 589 -11.13 33.63 4.75
CA ALA A 589 -10.71 32.69 3.72
C ALA A 589 -11.88 32.34 2.81
N LEU A 590 -11.61 32.27 1.50
CA LEU A 590 -12.69 32.27 0.50
C LEU A 590 -12.19 31.52 -0.73
N HIS A 591 -12.75 30.35 -0.99
CA HIS A 591 -12.30 29.51 -2.09
C HIS A 591 -13.44 29.49 -3.12
N ILE A 592 -13.35 30.37 -4.11
CA ILE A 592 -14.42 30.53 -5.09
C ILE A 592 -14.11 29.61 -6.27
N LYS A 593 -14.98 28.63 -6.49
CA LYS A 593 -14.90 27.76 -7.67
C LYS A 593 -16.02 28.14 -8.62
N PHE A 594 -15.67 28.42 -9.88
CA PHE A 594 -16.60 28.94 -10.85
C PHE A 594 -16.34 28.32 -12.21
N THR A 595 -17.35 28.42 -13.08
CA THR A 595 -17.21 28.04 -14.49
C THR A 595 -17.52 29.19 -15.43
N ASP A 596 -17.83 30.37 -14.91
CA ASP A 596 -18.13 31.54 -15.72
C ASP A 596 -17.69 32.79 -14.96
N ILE A 597 -17.46 33.87 -15.71
CA ILE A 597 -17.09 35.14 -15.10
C ILE A 597 -18.24 35.68 -14.27
N LYS A 598 -19.48 35.47 -14.74
CA LYS A 598 -20.64 35.92 -14.00
C LYS A 598 -20.81 35.16 -12.69
N GLU A 599 -20.30 33.93 -12.62
CA GLU A 599 -20.39 33.15 -11.39
C GLU A 599 -19.53 33.77 -10.28
N ILE A 600 -18.46 34.47 -10.66
CA ILE A 600 -17.60 35.14 -9.68
C ILE A 600 -18.33 36.39 -9.20
N PRO A 601 -18.59 36.51 -7.89
CA PRO A 601 -19.26 37.71 -7.39
C PRO A 601 -18.29 38.87 -7.27
N LEU A 602 -18.81 40.07 -7.51
CA LEU A 602 -18.00 41.28 -7.46
C LEU A 602 -17.73 41.77 -6.04
N TRP A 603 -18.49 41.31 -5.05
CA TRP A 603 -18.29 41.76 -3.68
C TRP A 603 -17.11 41.07 -3.01
N ILE A 604 -16.64 39.94 -3.58
CA ILE A 604 -15.53 39.21 -2.96
C ILE A 604 -14.24 40.01 -3.02
N TYR A 605 -14.18 41.03 -3.87
CA TYR A 605 -13.02 41.91 -3.95
C TYR A 605 -13.11 43.07 -2.96
N SER A 606 -14.21 43.19 -2.22
CA SER A 606 -14.38 44.27 -1.25
C SER A 606 -14.15 43.82 0.18
N LEU A 607 -13.80 42.57 0.41
CA LEU A 607 -13.59 42.07 1.77
C LEU A 607 -12.24 42.53 2.29
N LYS A 608 -12.22 43.10 3.50
CA LYS A 608 -10.96 43.58 4.07
C LYS A 608 -10.11 42.42 4.60
N THR A 609 -10.68 41.58 5.45
CA THR A 609 -9.93 40.61 6.23
C THR A 609 -9.60 39.33 5.47
N LEU A 610 -9.91 39.26 4.19
CA LEU A 610 -9.64 38.07 3.39
C LEU A 610 -8.13 37.84 3.26
N GLU A 611 -7.67 36.62 3.56
CA GLU A 611 -6.27 36.28 3.43
C GLU A 611 -6.01 35.02 2.61
N GLU A 612 -7.01 34.16 2.42
CA GLU A 612 -6.85 32.94 1.62
C GLU A 612 -7.90 32.95 0.53
N LEU A 613 -7.47 32.87 -0.73
CA LEU A 613 -8.38 32.98 -1.86
C LEU A 613 -7.97 31.94 -2.89
N HIS A 614 -8.93 31.08 -3.26
CA HIS A 614 -8.69 29.96 -4.17
C HIS A 614 -9.65 30.07 -5.33
N LEU A 615 -9.12 30.02 -6.55
CA LEU A 615 -9.95 30.05 -7.77
C LEU A 615 -9.75 28.75 -8.54
N THR A 616 -10.85 28.18 -9.03
CA THR A 616 -10.83 27.03 -9.91
C THR A 616 -11.74 27.33 -11.10
N GLY A 617 -11.21 27.13 -12.31
CA GLY A 617 -11.95 27.44 -13.52
C GLY A 617 -11.16 28.33 -14.46
N ASN A 618 -11.24 28.06 -15.75
CA ASN A 618 -10.41 28.75 -16.74
C ASN A 618 -10.71 30.25 -16.75
N LEU A 619 -9.64 31.05 -16.75
CA LEU A 619 -9.74 32.50 -16.63
C LEU A 619 -9.38 33.24 -17.92
N SER A 620 -8.90 32.54 -18.94
CA SER A 620 -8.53 33.17 -20.21
C SER A 620 -9.80 33.45 -21.00
N ALA A 621 -10.08 34.74 -21.22
CA ALA A 621 -11.30 35.15 -21.91
C ALA A 621 -11.03 36.45 -22.66
N GLU A 622 -11.99 36.82 -23.50
CA GLU A 622 -11.87 38.04 -24.30
C GLU A 622 -12.32 39.24 -23.50
N ASN A 623 -11.48 40.28 -23.46
CA ASN A 623 -11.74 41.56 -22.80
C ASN A 623 -11.99 41.40 -21.30
N ASN A 624 -11.61 40.27 -20.73
CA ASN A 624 -11.71 40.04 -19.30
C ASN A 624 -10.47 39.35 -18.74
N ARG A 625 -9.42 39.20 -19.54
CA ARG A 625 -8.19 38.56 -19.07
C ARG A 625 -7.51 39.45 -18.05
N TYR A 626 -7.54 39.01 -16.78
CA TYR A 626 -6.84 39.67 -15.67
C TYR A 626 -7.34 41.08 -15.44
N ILE A 627 -8.61 41.32 -15.74
CA ILE A 627 -9.26 42.60 -15.48
C ILE A 627 -10.32 42.48 -14.39
N VAL A 628 -10.98 41.32 -14.32
CA VAL A 628 -11.99 41.10 -13.29
C VAL A 628 -11.35 41.07 -11.90
N ILE A 629 -10.08 40.71 -11.83
CA ILE A 629 -9.39 40.58 -10.56
C ILE A 629 -8.62 41.88 -10.24
N ASP A 630 -8.94 42.95 -10.96
CA ASP A 630 -8.31 44.24 -10.67
C ASP A 630 -8.70 44.78 -9.31
N GLY A 631 -9.75 44.25 -8.70
CA GLY A 631 -10.10 44.56 -7.33
C GLY A 631 -9.28 43.86 -6.29
N LEU A 632 -8.28 43.07 -6.70
CA LEU A 632 -7.39 42.44 -5.74
C LEU A 632 -6.50 43.47 -5.04
N ARG A 633 -6.34 44.66 -5.63
CA ARG A 633 -5.56 45.70 -4.98
C ARG A 633 -6.27 46.25 -3.74
N GLU A 634 -7.61 46.23 -3.75
CA GLU A 634 -8.36 46.61 -2.57
C GLU A 634 -8.08 45.66 -1.41
N LEU A 635 -7.84 44.39 -1.72
CA LEU A 635 -7.58 43.37 -0.71
C LEU A 635 -6.11 43.40 -0.32
N LYS A 636 -5.79 44.02 0.82
CA LYS A 636 -4.41 44.14 1.27
C LYS A 636 -3.98 43.04 2.23
N ARG A 637 -4.90 42.23 2.72
CA ARG A 637 -4.58 41.16 3.66
C ARG A 637 -4.39 39.81 2.99
N LEU A 638 -4.44 39.74 1.67
CA LEU A 638 -4.32 38.47 0.96
C LEU A 638 -2.94 37.87 1.13
N LYS A 639 -2.89 36.63 1.60
CA LYS A 639 -1.65 35.90 1.77
C LYS A 639 -1.59 34.60 1.00
N VAL A 640 -2.73 33.96 0.73
CA VAL A 640 -2.80 32.72 -0.03
C VAL A 640 -3.65 32.98 -1.27
N LEU A 641 -3.10 32.64 -2.46
CA LEU A 641 -3.77 32.85 -3.73
C LEU A 641 -3.59 31.59 -4.58
N ARG A 642 -4.54 30.67 -4.50
CA ARG A 642 -4.49 29.49 -5.37
C ARG A 642 -5.32 29.75 -6.63
N LEU A 643 -4.70 29.51 -7.78
CA LEU A 643 -5.33 29.75 -9.08
C LEU A 643 -5.29 28.46 -9.89
N LYS A 644 -6.33 27.64 -9.74
CA LYS A 644 -6.54 26.47 -10.58
C LYS A 644 -7.32 26.90 -11.83
N SER A 645 -6.69 27.80 -12.58
CA SER A 645 -7.40 28.52 -13.65
C SER A 645 -6.84 28.21 -15.04
N ASN A 646 -5.87 27.29 -15.14
CA ASN A 646 -5.27 26.89 -16.41
C ASN A 646 -4.70 28.08 -17.17
N LEU A 647 -4.22 29.06 -16.40
CA LEU A 647 -3.76 30.32 -16.97
C LEU A 647 -2.40 30.13 -17.63
N SER A 648 -2.17 30.86 -18.73
CA SER A 648 -0.91 30.79 -19.45
C SER A 648 0.15 31.73 -18.92
N LYS A 649 -0.23 32.75 -18.15
CA LYS A 649 0.73 33.66 -17.57
C LYS A 649 0.15 34.28 -16.30
N LEU A 650 1.04 34.61 -15.37
CA LEU A 650 0.64 35.17 -14.08
C LEU A 650 0.19 36.61 -14.28
N PRO A 651 -0.96 37.02 -13.76
CA PRO A 651 -1.42 38.40 -13.97
C PRO A 651 -0.64 39.44 -13.18
N GLN A 652 -0.51 40.62 -13.79
CA GLN A 652 0.27 41.69 -13.18
C GLN A 652 -0.38 42.23 -11.91
N VAL A 653 -1.72 42.20 -11.84
CA VAL A 653 -2.40 42.62 -10.62
C VAL A 653 -2.01 41.71 -9.47
N VAL A 654 -1.85 40.41 -9.74
CA VAL A 654 -1.36 39.49 -8.73
C VAL A 654 0.08 39.83 -8.35
N THR A 655 0.86 40.35 -9.31
CA THR A 655 2.23 40.76 -9.00
C THR A 655 2.26 41.95 -8.05
N ASP A 656 1.35 42.93 -8.24
CA ASP A 656 1.28 44.02 -7.26
C ASP A 656 0.76 43.52 -5.93
N VAL A 657 -0.15 42.54 -5.94
CA VAL A 657 -0.64 41.94 -4.70
C VAL A 657 0.49 41.20 -3.98
N GLY A 658 1.45 40.65 -4.73
CA GLY A 658 2.51 39.82 -4.17
C GLY A 658 3.43 40.53 -3.19
N VAL A 659 3.33 41.86 -3.08
CA VAL A 659 4.05 42.57 -2.03
C VAL A 659 3.59 42.10 -0.67
N HIS A 660 2.30 41.81 -0.52
CA HIS A 660 1.76 41.28 0.72
C HIS A 660 1.36 39.81 0.62
N LEU A 661 1.42 39.21 -0.56
CA LEU A 661 1.09 37.79 -0.70
C LEU A 661 2.26 36.93 -0.23
N GLN A 662 1.94 35.90 0.56
CA GLN A 662 3.00 35.00 1.08
C GLN A 662 2.89 33.62 0.44
N LYS A 663 1.79 33.31 -0.25
CA LYS A 663 1.63 31.97 -0.78
C LYS A 663 0.92 32.04 -2.12
N LEU A 664 1.51 31.43 -3.14
CA LEU A 664 0.97 31.44 -4.49
C LEU A 664 1.12 30.04 -5.07
N SER A 665 0.00 29.35 -5.25
CA SER A 665 -0.03 28.01 -5.82
C SER A 665 -0.78 28.08 -7.15
N ILE A 666 -0.15 27.60 -8.22
CA ILE A 666 -0.70 27.69 -9.57
C ILE A 666 -0.97 26.27 -10.05
N ASN A 667 -2.18 26.04 -10.55
CA ASN A 667 -2.52 24.79 -11.21
C ASN A 667 -2.96 25.10 -12.64
N ASN A 668 -2.24 24.52 -13.61
CA ASN A 668 -2.50 24.77 -15.02
C ASN A 668 -2.90 23.51 -15.78
N GLU A 669 -2.88 22.36 -15.13
CA GLU A 669 -3.31 21.09 -15.71
C GLU A 669 -2.56 20.77 -17.00
N GLY A 670 -1.24 20.90 -16.95
CA GLY A 670 -0.41 20.56 -18.08
C GLY A 670 -0.18 21.67 -19.08
N THR A 671 -0.42 22.92 -18.69
CA THR A 671 -0.21 24.09 -19.55
C THR A 671 1.02 24.83 -19.06
N LYS A 672 1.97 25.05 -19.96
CA LYS A 672 3.19 25.77 -19.63
C LYS A 672 2.84 27.22 -19.30
N LEU A 673 3.20 27.67 -18.10
CA LEU A 673 2.97 29.05 -17.73
C LEU A 673 4.17 29.91 -18.15
N ILE A 674 3.88 31.00 -18.84
CA ILE A 674 4.93 31.86 -19.38
C ILE A 674 5.54 32.64 -18.23
N VAL A 675 6.67 32.15 -17.71
CA VAL A 675 7.28 32.78 -16.55
C VAL A 675 7.90 34.13 -16.92
N LEU A 676 8.90 34.10 -17.80
CA LEU A 676 9.67 35.28 -18.20
C LEU A 676 10.28 36.00 -16.99
N ASN A 677 10.50 35.26 -15.91
CA ASN A 677 11.02 35.79 -14.64
C ASN A 677 10.17 36.94 -14.13
N SER A 678 8.86 36.80 -14.26
CA SER A 678 7.92 37.83 -13.82
C SER A 678 7.52 37.68 -12.36
N LEU A 679 7.94 36.61 -11.68
CA LEU A 679 7.65 36.42 -10.27
C LEU A 679 8.70 37.02 -9.36
N LYS A 680 9.55 37.92 -9.87
CA LYS A 680 10.56 38.53 -9.01
C LYS A 680 9.97 39.65 -8.17
N LYS A 681 8.72 40.06 -8.47
CA LYS A 681 8.09 41.13 -7.70
C LYS A 681 7.60 40.64 -6.36
N MET A 682 7.15 39.38 -6.28
CA MET A 682 6.57 38.84 -5.05
C MET A 682 7.70 38.39 -4.12
N VAL A 683 8.42 39.39 -3.58
CA VAL A 683 9.51 39.10 -2.66
C VAL A 683 8.98 38.50 -1.36
N ASN A 684 7.68 38.69 -1.07
CA ASN A 684 7.09 38.15 0.14
C ASN A 684 6.61 36.72 -0.03
N LEU A 685 6.77 36.12 -1.21
CA LEU A 685 6.24 34.78 -1.45
C LEU A 685 7.00 33.74 -0.64
N THR A 686 6.26 32.86 0.04
CA THR A 686 6.86 31.86 0.91
C THR A 686 6.66 30.43 0.47
N GLU A 687 5.56 30.10 -0.22
CA GLU A 687 5.26 28.73 -0.64
C GLU A 687 4.77 28.77 -2.09
N LEU A 688 5.71 28.62 -3.03
CA LEU A 688 5.38 28.55 -4.45
C LEU A 688 5.18 27.09 -4.83
N GLU A 689 3.93 26.66 -4.88
CA GLU A 689 3.57 25.28 -5.20
C GLU A 689 2.99 25.25 -6.61
N LEU A 690 3.87 25.07 -7.59
CA LEU A 690 3.45 24.97 -8.99
C LEU A 690 2.91 23.56 -9.21
N ILE A 691 1.59 23.44 -9.19
CA ILE A 691 0.93 22.14 -9.31
C ILE A 691 0.57 21.90 -10.77
N ARG A 692 1.09 20.80 -11.34
CA ARG A 692 0.76 20.37 -12.70
C ARG A 692 1.06 21.46 -13.72
N CYS A 693 2.10 22.25 -13.44
CA CYS A 693 2.47 23.36 -14.32
C CYS A 693 3.16 22.90 -15.59
N ASP A 694 3.71 21.68 -15.61
CA ASP A 694 4.38 21.09 -16.77
C ASP A 694 5.50 22.00 -17.28
N LEU A 695 6.24 22.58 -16.34
CA LEU A 695 7.28 23.54 -16.70
C LEU A 695 8.43 22.88 -17.46
N GLU A 696 8.85 21.70 -17.01
CA GLU A 696 9.99 20.93 -17.51
C GLU A 696 11.33 21.61 -17.27
N ARG A 697 11.35 22.81 -16.68
CA ARG A 697 12.55 23.53 -16.32
C ARG A 697 12.24 24.36 -15.08
N ILE A 698 13.29 24.82 -14.40
CA ILE A 698 13.15 25.76 -13.29
C ILE A 698 13.56 27.15 -13.79
N PRO A 699 12.65 28.11 -13.84
CA PRO A 699 13.05 29.49 -14.15
C PRO A 699 13.84 30.11 -13.01
N HIS A 700 14.54 31.19 -13.33
CA HIS A 700 15.42 31.82 -12.37
C HIS A 700 14.66 32.57 -11.28
N SER A 701 13.37 32.84 -11.51
CA SER A 701 12.57 33.55 -10.52
C SER A 701 12.30 32.70 -9.28
N ILE A 702 12.37 31.38 -9.42
CA ILE A 702 12.10 30.50 -8.28
C ILE A 702 13.19 30.65 -7.22
N PHE A 703 14.45 30.70 -7.65
CA PHE A 703 15.55 30.92 -6.71
C PHE A 703 16.06 32.36 -6.71
N SER A 704 15.36 33.28 -7.36
CA SER A 704 15.70 34.69 -7.25
C SER A 704 15.12 35.32 -5.99
N LEU A 705 13.86 35.01 -5.68
CA LEU A 705 13.23 35.42 -4.42
C LEU A 705 13.90 34.68 -3.27
N HIS A 706 14.08 35.35 -2.14
CA HIS A 706 14.79 34.74 -1.02
C HIS A 706 13.87 34.20 0.07
N ASN A 707 12.55 34.24 -0.13
CA ASN A 707 11.66 34.01 1.00
C ASN A 707 10.93 32.66 0.95
N LEU A 708 11.24 31.80 -0.01
CA LEU A 708 10.51 30.53 -0.15
C LEU A 708 11.09 29.48 0.79
N GLN A 709 10.25 28.95 1.68
CA GLN A 709 10.64 27.79 2.49
C GLN A 709 10.25 26.49 1.81
N GLU A 710 9.07 26.43 1.20
CA GLU A 710 8.51 25.21 0.65
C GLU A 710 8.25 25.43 -0.83
N ILE A 711 8.93 24.65 -1.68
CA ILE A 711 8.79 24.76 -3.12
C ILE A 711 8.45 23.38 -3.66
N ASP A 712 7.17 23.15 -3.93
CA ASP A 712 6.67 21.86 -4.38
C ASP A 712 6.32 21.99 -5.86
N LEU A 713 7.18 21.44 -6.72
CA LEU A 713 6.95 21.46 -8.16
C LEU A 713 6.24 20.18 -8.60
N LYS A 714 4.97 20.10 -8.21
CA LYS A 714 4.18 18.89 -8.38
C LYS A 714 3.76 18.76 -9.83
N ASP A 715 4.20 17.67 -10.47
CA ASP A 715 3.94 17.39 -11.89
C ASP A 715 4.42 18.51 -12.79
N ASN A 716 5.60 19.05 -12.48
CA ASN A 716 6.25 20.02 -13.35
C ASN A 716 7.11 19.37 -14.43
N ASN A 717 7.25 18.04 -14.40
CA ASN A 717 7.85 17.26 -15.48
C ASN A 717 9.31 17.66 -15.75
N LEU A 718 10.04 17.95 -14.68
CA LEU A 718 11.45 18.36 -14.83
C LEU A 718 12.30 17.12 -15.09
N LYS A 719 12.97 17.08 -16.24
CA LYS A 719 13.78 15.93 -16.60
C LYS A 719 15.04 15.86 -15.75
N THR A 720 15.76 16.98 -15.62
CA THR A 720 17.02 17.01 -14.88
C THR A 720 16.95 18.13 -13.86
N ILE A 721 17.21 17.78 -12.59
CA ILE A 721 17.08 18.73 -11.49
C ILE A 721 18.45 19.41 -11.33
N GLU A 722 18.64 20.49 -12.09
CA GLU A 722 19.96 21.10 -12.24
C GLU A 722 20.08 22.50 -11.65
N GLU A 723 18.99 23.11 -11.21
CA GLU A 723 19.02 24.47 -10.68
C GLU A 723 19.12 24.51 -9.17
N ILE A 724 19.52 23.40 -8.54
CA ILE A 724 19.53 23.26 -7.09
C ILE A 724 20.77 23.88 -6.47
N ILE A 725 21.77 24.23 -7.27
CA ILE A 725 22.96 24.87 -6.72
C ILE A 725 22.62 26.28 -6.24
N SER A 726 21.76 26.99 -6.97
CA SER A 726 21.37 28.35 -6.63
C SER A 726 20.40 28.41 -5.46
N PHE A 727 19.86 27.28 -5.02
CA PHE A 727 18.92 27.27 -3.91
C PHE A 727 19.60 27.37 -2.54
N GLN A 728 20.94 27.32 -2.49
CA GLN A 728 21.62 27.43 -1.20
C GLN A 728 21.56 28.85 -0.66
N HIS A 729 21.38 29.84 -1.52
CA HIS A 729 21.13 31.20 -1.03
C HIS A 729 19.79 31.30 -0.34
N LEU A 730 18.88 30.36 -0.61
CA LEU A 730 17.58 30.32 0.04
C LEU A 730 17.77 29.67 1.40
N HIS A 731 18.20 30.46 2.38
CA HIS A 731 18.37 29.93 3.74
C HIS A 731 17.04 29.52 4.33
N ARG A 732 15.95 30.09 3.83
CA ARG A 732 14.62 29.76 4.33
C ARG A 732 14.13 28.42 3.80
N LEU A 733 14.65 28.00 2.65
CA LEU A 733 14.22 26.76 1.99
C LEU A 733 14.53 25.53 2.82
N THR A 734 13.48 24.85 3.30
CA THR A 734 13.64 23.62 4.06
C THR A 734 12.73 22.50 3.54
N CYS A 735 11.95 22.75 2.49
CA CYS A 735 11.04 21.75 1.96
C CYS A 735 11.00 21.79 0.44
N LEU A 736 11.81 20.95 -0.19
CA LEU A 736 11.94 20.95 -1.66
C LEU A 736 11.39 19.63 -2.21
N LYS A 737 10.08 19.63 -2.44
CA LYS A 737 9.35 18.43 -2.83
C LYS A 737 9.37 18.28 -4.35
N LEU A 738 10.36 17.55 -4.84
CA LEU A 738 10.47 17.24 -6.27
C LEU A 738 9.94 15.85 -6.55
N TRP A 739 8.62 15.71 -6.43
CA TRP A 739 7.92 14.50 -6.79
C TRP A 739 7.26 14.66 -8.15
N TYR A 740 6.83 13.52 -8.73
CA TYR A 740 6.02 13.50 -9.95
C TYR A 740 6.76 14.11 -11.14
N ASN A 741 8.02 13.70 -11.32
CA ASN A 741 8.87 14.22 -12.38
C ASN A 741 9.66 13.08 -13.01
N HIS A 742 10.27 13.36 -14.17
CA HIS A 742 11.17 12.44 -14.84
C HIS A 742 12.62 12.59 -14.42
N ILE A 743 12.89 12.98 -13.19
CA ILE A 743 14.27 12.95 -12.68
C ILE A 743 14.74 11.51 -12.73
N ALA A 744 15.71 11.23 -13.60
CA ALA A 744 16.24 9.88 -13.75
C ALA A 744 17.51 9.65 -12.94
N TYR A 745 18.18 10.71 -12.51
CA TYR A 745 19.37 10.59 -11.69
C TYR A 745 19.51 11.86 -10.85
N ILE A 746 20.07 11.70 -9.67
CA ILE A 746 20.32 12.83 -8.77
C ILE A 746 21.80 13.21 -8.90
N PRO A 747 22.12 14.39 -9.40
CA PRO A 747 23.51 14.85 -9.39
C PRO A 747 23.99 15.04 -7.96
N ILE A 748 25.30 14.90 -7.76
CA ILE A 748 25.88 15.03 -6.43
C ILE A 748 25.73 16.42 -5.83
N GLN A 749 25.47 17.44 -6.67
CA GLN A 749 25.45 18.84 -6.28
C GLN A 749 24.41 19.16 -5.22
N ILE A 750 23.40 18.30 -5.02
CA ILE A 750 22.38 18.56 -4.00
C ILE A 750 23.02 18.54 -2.62
N GLY A 751 24.21 17.94 -2.49
CA GLY A 751 24.94 18.00 -1.24
C GLY A 751 25.26 19.42 -0.79
N ASN A 752 25.13 20.39 -1.69
CA ASN A 752 25.24 21.79 -1.30
C ASN A 752 24.12 22.19 -0.34
N LEU A 753 22.89 21.74 -0.60
CA LEU A 753 21.72 22.16 0.16
C LEU A 753 21.65 21.34 1.45
N THR A 754 22.19 21.93 2.52
CA THR A 754 22.24 21.24 3.80
C THR A 754 21.03 21.58 4.69
N ASN A 755 20.22 22.55 4.28
CA ASN A 755 19.13 23.00 5.15
C ASN A 755 17.85 22.21 4.95
N LEU A 756 17.84 21.29 3.98
CA LEU A 756 16.61 20.59 3.62
C LEU A 756 16.15 19.65 4.72
N GLU A 757 14.85 19.67 5.00
CA GLU A 757 14.24 18.72 5.94
C GLU A 757 13.23 17.80 5.26
N ARG A 758 12.22 18.36 4.57
CA ARG A 758 11.16 17.55 3.98
C ARG A 758 11.39 17.40 2.47
N LEU A 759 12.38 16.58 2.14
CA LEU A 759 12.68 16.28 0.74
C LEU A 759 11.80 15.11 0.33
N TYR A 760 10.71 15.40 -0.38
CA TYR A 760 9.78 14.39 -0.87
C TYR A 760 10.06 14.19 -2.36
N LEU A 761 10.73 13.09 -2.68
CA LEU A 761 11.25 12.83 -4.02
C LEU A 761 10.59 11.56 -4.58
N ASN A 762 9.31 11.39 -4.27
CA ASN A 762 8.60 10.15 -4.55
C ASN A 762 7.95 10.18 -5.94
N ARG A 763 7.45 9.01 -6.34
CA ARG A 763 6.72 8.79 -7.61
C ARG A 763 7.58 9.24 -8.80
N ASN A 764 8.87 8.96 -8.75
CA ASN A 764 9.77 9.31 -9.82
C ASN A 764 10.49 8.06 -10.32
N LYS A 765 11.41 8.26 -11.27
CA LYS A 765 12.23 7.19 -11.82
C LYS A 765 13.69 7.35 -11.42
N ILE A 766 13.92 7.71 -10.16
CA ILE A 766 15.28 7.81 -9.64
C ILE A 766 15.91 6.43 -9.64
N GLU A 767 16.99 6.26 -10.40
CA GLU A 767 17.67 4.97 -10.46
C GLU A 767 18.32 4.65 -9.11
N LYS A 768 18.82 5.67 -8.42
CA LYS A 768 19.40 5.51 -7.09
C LYS A 768 19.59 6.89 -6.46
N ILE A 769 19.28 6.99 -5.17
CA ILE A 769 19.71 8.12 -4.34
C ILE A 769 21.15 7.86 -3.90
N PRO A 770 22.05 8.81 -4.15
CA PRO A 770 23.46 8.55 -3.90
C PRO A 770 23.86 8.83 -2.46
N THR A 771 25.12 8.51 -2.15
CA THR A 771 25.65 8.81 -0.83
C THR A 771 25.68 10.31 -0.57
N GLN A 772 26.01 11.11 -1.58
CA GLN A 772 26.07 12.56 -1.41
C GLN A 772 24.70 13.14 -1.09
N LEU A 773 23.62 12.45 -1.49
CA LEU A 773 22.29 12.90 -1.10
C LEU A 773 22.13 12.90 0.41
N PHE A 774 22.77 11.93 1.08
CA PHE A 774 22.76 11.88 2.54
C PHE A 774 23.67 12.91 3.17
N TYR A 775 24.32 13.76 2.38
CA TYR A 775 25.15 14.83 2.93
C TYR A 775 24.31 15.89 3.64
N CYS A 776 23.00 15.89 3.42
CA CYS A 776 22.07 16.76 4.14
C CYS A 776 21.61 16.05 5.41
N ARG A 777 22.37 16.27 6.49
CA ARG A 777 22.03 15.64 7.76
C ARG A 777 20.77 16.22 8.39
N LYS A 778 20.32 17.38 7.92
CA LYS A 778 19.12 18.01 8.48
C LYS A 778 17.83 17.34 7.99
N LEU A 779 17.92 16.45 7.01
CA LEU A 779 16.74 15.78 6.46
C LEU A 779 15.99 15.00 7.52
N ARG A 780 14.77 15.45 7.82
CA ARG A 780 13.92 14.82 8.82
C ARG A 780 12.82 13.97 8.21
N TYR A 781 12.26 14.38 7.08
CA TYR A 781 11.22 13.64 6.40
C TYR A 781 11.68 13.38 4.97
N LEU A 782 11.74 12.09 4.59
CA LEU A 782 12.29 11.68 3.29
C LEU A 782 11.34 10.69 2.63
N ASP A 783 10.81 11.08 1.47
CA ASP A 783 9.85 10.25 0.74
C ASP A 783 10.45 9.89 -0.61
N LEU A 784 10.60 8.59 -0.87
CA LEU A 784 11.14 8.07 -2.13
C LEU A 784 10.22 7.03 -2.75
N SER A 785 8.94 7.06 -2.41
CA SER A 785 8.01 6.01 -2.79
C SER A 785 7.78 5.97 -4.30
N HIS A 786 7.54 4.77 -4.81
CA HIS A 786 7.28 4.52 -6.23
C HIS A 786 8.44 5.02 -7.10
N ASN A 787 9.62 4.45 -6.85
CA ASN A 787 10.85 4.85 -7.51
C ASN A 787 11.59 3.61 -8.01
N ASN A 788 12.65 3.84 -8.79
CA ASN A 788 13.44 2.78 -9.41
C ASN A 788 14.79 2.57 -8.74
N LEU A 789 14.87 2.74 -7.42
CA LEU A 789 16.15 2.60 -6.72
C LEU A 789 16.76 1.23 -6.92
N THR A 790 18.09 1.21 -7.11
CA THR A 790 18.79 -0.07 -7.13
C THR A 790 18.87 -0.67 -5.73
N PHE A 791 19.15 0.15 -4.72
CA PHE A 791 19.22 -0.29 -3.33
C PHE A 791 19.18 0.96 -2.45
N LEU A 792 19.37 0.74 -1.14
CA LEU A 792 19.38 1.84 -0.17
C LEU A 792 20.76 1.88 0.47
N PRO A 793 21.54 2.94 0.26
CA PRO A 793 22.95 2.93 0.67
C PRO A 793 23.11 3.04 2.18
N ALA A 794 24.38 2.93 2.60
CA ALA A 794 24.76 2.95 4.02
C ALA A 794 24.74 4.34 4.62
N ASP A 795 24.99 5.39 3.84
CA ASP A 795 25.07 6.75 4.38
C ASP A 795 23.75 7.25 4.94
N ILE A 796 22.67 6.45 4.84
CA ILE A 796 21.45 6.69 5.59
C ILE A 796 21.70 6.75 7.08
N GLY A 797 22.81 6.16 7.56
CA GLY A 797 23.15 6.30 8.96
C GLY A 797 23.49 7.72 9.35
N LEU A 798 23.87 8.54 8.37
CA LEU A 798 24.14 9.95 8.63
C LEU A 798 22.87 10.69 9.04
N LEU A 799 21.73 10.37 8.42
CA LEU A 799 20.48 11.09 8.64
C LEU A 799 19.89 10.66 10.00
N GLN A 800 20.49 11.21 11.06
CA GLN A 800 20.03 10.90 12.41
C GLN A 800 18.67 11.51 12.72
N ASN A 801 18.25 12.53 11.96
CA ASN A 801 16.97 13.18 12.21
C ASN A 801 15.82 12.56 11.43
N LEU A 802 16.08 11.53 10.62
CA LEU A 802 15.05 10.92 9.78
C LEU A 802 13.94 10.32 10.63
N GLN A 803 12.69 10.60 10.24
CA GLN A 803 11.52 10.14 10.97
C GLN A 803 10.68 9.18 10.13
N ASN A 804 10.36 9.54 8.89
CA ASN A 804 9.60 8.64 8.02
C ASN A 804 10.34 8.50 6.69
N LEU A 805 10.91 7.33 6.46
CA LEU A 805 11.56 7.01 5.20
C LEU A 805 10.63 6.10 4.41
N ALA A 806 10.25 6.53 3.22
CA ALA A 806 9.18 5.88 2.44
C ALA A 806 9.76 5.41 1.11
N VAL A 807 9.97 4.10 0.99
CA VAL A 807 10.50 3.51 -0.24
C VAL A 807 9.56 2.44 -0.77
N THR A 808 8.25 2.66 -0.58
CA THR A 808 7.25 1.68 -0.97
C THR A 808 7.24 1.46 -2.48
N ALA A 809 7.18 0.18 -2.87
CA ALA A 809 7.15 -0.26 -4.27
C ALA A 809 8.37 0.24 -5.04
N ASN A 810 9.51 0.25 -4.37
CA ASN A 810 10.80 0.49 -5.02
C ASN A 810 11.55 -0.84 -5.04
N ARG A 811 12.80 -0.84 -5.49
CA ARG A 811 13.54 -2.09 -5.69
C ARG A 811 14.68 -2.13 -4.69
N ILE A 812 14.39 -2.58 -3.47
CA ILE A 812 15.39 -2.78 -2.44
C ILE A 812 15.32 -4.23 -1.99
N GLU A 813 16.41 -4.97 -2.23
CA GLU A 813 16.42 -6.39 -1.91
C GLU A 813 16.75 -6.68 -0.46
N ALA A 814 17.67 -5.93 0.14
CA ALA A 814 18.10 -6.18 1.51
C ALA A 814 18.11 -4.87 2.28
N LEU A 815 17.68 -4.93 3.53
CA LEU A 815 17.65 -3.73 4.36
C LEU A 815 18.99 -3.56 5.06
N PRO A 816 19.70 -2.47 4.84
CA PRO A 816 21.01 -2.28 5.48
C PRO A 816 20.85 -2.04 6.97
N PRO A 817 21.79 -2.53 7.78
CA PRO A 817 21.76 -2.21 9.22
C PRO A 817 21.95 -0.73 9.51
N GLU A 818 22.55 0.02 8.58
CA GLU A 818 22.71 1.46 8.77
C GLU A 818 21.36 2.16 8.78
N LEU A 819 20.35 1.58 8.14
CA LEU A 819 18.99 2.09 8.25
C LEU A 819 18.51 2.05 9.70
N PHE A 820 18.81 0.93 10.38
CA PHE A 820 18.40 0.80 11.77
C PHE A 820 19.34 1.50 12.74
N GLN A 821 20.51 1.94 12.26
CA GLN A 821 21.43 2.69 13.12
C GLN A 821 20.78 3.98 13.62
N CYS A 822 20.03 4.65 12.76
CA CYS A 822 19.20 5.77 13.18
C CYS A 822 18.08 5.27 14.08
N ARG A 823 17.76 6.04 15.12
CA ARG A 823 16.75 5.63 16.10
C ARG A 823 15.47 6.45 16.03
N LYS A 824 15.41 7.48 15.18
CA LYS A 824 14.31 8.43 15.20
C LYS A 824 13.20 8.05 14.21
N LEU A 825 13.35 6.92 13.50
CA LEU A 825 12.34 6.47 12.54
C LEU A 825 10.99 6.28 13.21
N ARG A 826 9.94 6.76 12.55
CA ARG A 826 8.59 6.73 13.10
C ARG A 826 7.59 6.04 12.19
N ALA A 827 7.67 6.29 10.88
CA ALA A 827 6.73 5.73 9.91
C ALA A 827 7.53 5.11 8.77
N LEU A 828 7.66 3.78 8.78
CA LEU A 828 8.47 3.07 7.80
C LEU A 828 7.57 2.51 6.70
N HIS A 829 7.51 3.23 5.58
CA HIS A 829 6.73 2.79 4.42
C HIS A 829 7.59 1.84 3.60
N LEU A 830 7.67 0.59 4.06
CA LEU A 830 8.53 -0.42 3.46
C LEU A 830 7.75 -1.47 2.69
N GLY A 831 6.45 -1.30 2.51
CA GLY A 831 5.64 -2.32 1.87
C GLY A 831 5.84 -2.40 0.38
N ASN A 832 5.37 -3.52 -0.18
CA ASN A 832 5.35 -3.78 -1.62
C ASN A 832 6.75 -3.73 -2.23
N ASN A 833 7.71 -4.33 -1.54
CA ASN A 833 9.11 -4.21 -1.91
C ASN A 833 9.63 -5.62 -2.21
N VAL A 834 10.95 -5.76 -2.35
CA VAL A 834 11.57 -7.07 -2.50
C VAL A 834 12.52 -7.30 -1.34
N LEU A 835 12.17 -6.74 -0.18
CA LEU A 835 12.90 -7.01 1.06
C LEU A 835 12.85 -8.50 1.36
N GLN A 836 14.03 -9.14 1.35
CA GLN A 836 14.09 -10.58 1.62
C GLN A 836 13.67 -10.88 3.05
N SER A 837 14.14 -10.09 4.00
CA SER A 837 13.76 -10.25 5.40
C SER A 837 14.01 -8.95 6.14
N LEU A 838 13.29 -8.76 7.24
CA LEU A 838 13.50 -7.59 8.07
C LEU A 838 14.48 -7.96 9.18
N PRO A 839 15.62 -7.28 9.28
CA PRO A 839 16.58 -7.62 10.34
C PRO A 839 16.02 -7.35 11.73
N SER A 840 16.55 -8.09 12.71
CA SER A 840 16.14 -7.93 14.10
C SER A 840 16.51 -6.58 14.68
N ARG A 841 17.37 -5.81 14.00
CA ARG A 841 17.81 -4.51 14.48
C ARG A 841 16.66 -3.50 14.54
N VAL A 842 15.50 -3.82 13.97
CA VAL A 842 14.30 -3.01 14.14
C VAL A 842 13.90 -2.94 15.60
N GLY A 843 14.33 -3.91 16.41
CA GLY A 843 14.11 -3.82 17.84
C GLY A 843 14.79 -2.62 18.48
N GLU A 844 15.82 -2.08 17.83
CA GLU A 844 16.44 -0.84 18.30
C GLU A 844 15.48 0.33 18.16
N LEU A 845 14.64 0.32 17.12
CA LEU A 845 13.76 1.45 16.86
C LEU A 845 12.66 1.53 17.92
N THR A 846 12.54 2.70 18.55
CA THR A 846 11.53 2.98 19.55
C THR A 846 10.49 3.98 19.07
N ASN A 847 10.90 4.99 18.31
CA ASN A 847 9.97 5.99 17.79
C ASN A 847 9.04 5.43 16.73
N LEU A 848 9.30 4.22 16.24
CA LEU A 848 8.47 3.62 15.21
C LEU A 848 7.07 3.34 15.73
N THR A 849 6.10 4.16 15.32
CA THR A 849 4.71 3.97 15.69
C THR A 849 3.88 3.29 14.62
N GLN A 850 4.35 3.28 13.37
CA GLN A 850 3.71 2.53 12.30
C GLN A 850 4.76 2.12 11.29
N ILE A 851 4.59 0.94 10.70
CA ILE A 851 5.52 0.43 9.70
C ILE A 851 4.71 -0.40 8.70
N GLU A 852 4.83 -0.08 7.42
CA GLU A 852 4.10 -0.77 6.38
C GLU A 852 4.93 -1.96 5.89
N LEU A 853 4.49 -3.16 6.24
CA LEU A 853 5.20 -4.37 5.89
C LEU A 853 4.38 -5.34 5.05
N ARG A 854 3.29 -4.89 4.44
CA ARG A 854 2.43 -5.79 3.68
C ARG A 854 2.98 -6.00 2.28
N GLY A 855 2.90 -7.25 1.82
CA GLY A 855 3.47 -7.63 0.54
C GLY A 855 4.89 -8.15 0.69
N ASN A 856 5.81 -7.61 -0.12
CA ASN A 856 7.23 -7.89 -0.06
C ASN A 856 7.57 -9.37 -0.23
N ARG A 857 8.80 -9.74 0.11
CA ARG A 857 9.21 -11.14 0.15
C ARG A 857 9.55 -11.52 1.60
N LEU A 858 8.84 -10.92 2.55
CA LEU A 858 9.15 -11.06 3.97
C LEU A 858 8.92 -12.50 4.43
N GLU A 859 10.01 -13.16 4.80
CA GLU A 859 9.91 -14.56 5.20
C GLU A 859 9.16 -14.72 6.53
N CYS A 860 9.55 -13.95 7.53
CA CYS A 860 8.88 -13.92 8.82
C CYS A 860 9.14 -12.57 9.47
N LEU A 861 8.28 -12.20 10.42
CA LEU A 861 8.52 -11.00 11.20
C LEU A 861 9.33 -11.34 12.44
N PRO A 862 10.44 -10.68 12.70
CA PRO A 862 11.25 -11.00 13.89
C PRO A 862 10.51 -10.63 15.17
N VAL A 863 10.83 -11.36 16.25
CA VAL A 863 10.23 -11.10 17.55
C VAL A 863 10.61 -9.73 18.10
N GLU A 864 11.71 -9.14 17.60
CA GLU A 864 12.16 -7.84 18.07
C GLU A 864 11.17 -6.73 17.76
N LEU A 865 10.24 -6.97 16.84
CA LEU A 865 9.17 -5.99 16.60
C LEU A 865 8.31 -5.80 17.85
N GLY A 866 8.22 -6.83 18.70
CA GLY A 866 7.53 -6.67 19.96
C GLY A 866 8.28 -5.80 20.94
N GLU A 867 9.58 -5.61 20.72
CA GLU A 867 10.38 -4.75 21.60
C GLU A 867 10.02 -3.28 21.42
N CYS A 868 9.48 -2.92 20.26
CA CYS A 868 9.11 -1.55 20.00
C CYS A 868 7.86 -1.18 20.79
N PRO A 869 7.93 -0.18 21.68
CA PRO A 869 6.76 0.13 22.53
C PRO A 869 5.65 0.84 21.78
N LEU A 870 6.01 1.81 20.93
CA LEU A 870 5.00 2.64 20.27
C LEU A 870 4.26 1.87 19.18
N LEU A 871 4.85 0.79 18.67
CA LEU A 871 4.22 0.04 17.60
C LEU A 871 3.03 -0.75 18.12
N LYS A 872 1.93 -0.74 17.35
CA LYS A 872 0.74 -1.52 17.68
C LYS A 872 0.21 -2.23 16.44
N ARG A 873 -0.97 -2.85 16.55
CA ARG A 873 -1.53 -3.60 15.43
C ARG A 873 -1.87 -2.66 14.27
N SER A 874 -2.47 -1.51 14.57
CA SER A 874 -2.77 -0.55 13.52
C SER A 874 -1.49 0.01 12.91
N GLY A 875 -0.46 0.18 13.73
CA GLY A 875 0.83 0.61 13.20
C GLY A 875 1.50 -0.46 12.36
N LEU A 876 1.42 -1.72 12.79
CA LEU A 876 2.11 -2.83 12.13
C LEU A 876 1.13 -3.46 11.15
N VAL A 877 1.09 -2.92 9.93
CA VAL A 877 0.21 -3.40 8.88
C VAL A 877 0.95 -4.49 8.11
N VAL A 878 0.50 -5.74 8.26
CA VAL A 878 1.12 -6.88 7.60
C VAL A 878 0.05 -7.93 7.37
N GLU A 879 0.37 -8.93 6.54
CA GLU A 879 -0.56 -10.01 6.26
C GLU A 879 -0.84 -10.84 7.52
N GLU A 880 -2.02 -11.45 7.57
CA GLU A 880 -2.47 -12.14 8.77
C GLU A 880 -1.57 -13.33 9.11
N ASP A 881 -1.17 -14.10 8.10
CA ASP A 881 -0.32 -15.27 8.34
C ASP A 881 1.05 -14.87 8.86
N LEU A 882 1.65 -13.84 8.25
CA LEU A 882 2.95 -13.37 8.69
C LEU A 882 2.90 -12.82 10.10
N PHE A 883 1.80 -12.14 10.45
CA PHE A 883 1.60 -11.72 11.82
C PHE A 883 1.44 -12.91 12.76
N SER A 884 0.77 -13.97 12.28
CA SER A 884 0.60 -15.17 13.09
C SER A 884 1.89 -15.96 13.26
N THR A 885 2.90 -15.70 12.43
CA THR A 885 4.21 -16.36 12.63
C THR A 885 4.85 -15.96 13.96
N LEU A 886 4.45 -14.82 14.52
CA LEU A 886 4.98 -14.39 15.81
C LEU A 886 4.47 -15.31 16.92
N PRO A 887 5.21 -15.41 18.02
CA PRO A 887 4.76 -16.23 19.17
C PRO A 887 3.45 -15.72 19.72
N PRO A 888 2.63 -16.59 20.31
CA PRO A 888 1.30 -16.17 20.79
C PRO A 888 1.32 -15.07 21.85
N GLU A 889 2.27 -15.11 22.78
CA GLU A 889 2.19 -14.20 23.92
C GLU A 889 2.60 -12.78 23.55
N VAL A 890 3.57 -12.63 22.64
CA VAL A 890 3.94 -11.29 22.19
C VAL A 890 2.82 -10.70 21.35
N LYS A 891 2.13 -11.54 20.56
CA LYS A 891 0.94 -11.08 19.87
C LYS A 891 -0.15 -10.65 20.83
N GLU A 892 -0.31 -11.38 21.94
CA GLU A 892 -1.25 -10.97 22.98
C GLU A 892 -0.85 -9.64 23.59
N ARG A 893 0.44 -9.44 23.82
CA ARG A 893 0.94 -8.17 24.33
C ARG A 893 0.62 -7.02 23.38
N LEU A 894 0.85 -7.24 22.09
CA LEU A 894 0.54 -6.23 21.08
C LEU A 894 -0.95 -5.95 21.02
N TRP A 895 -1.78 -7.00 21.10
CA TRP A 895 -3.23 -6.82 21.12
C TRP A 895 -3.66 -6.00 22.32
N ARG A 896 -3.13 -6.31 23.50
CA ARG A 896 -3.52 -5.61 24.72
C ARG A 896 -3.05 -4.16 24.70
N ALA A 897 -1.87 -3.90 24.13
CA ALA A 897 -1.41 -2.52 23.98
C ALA A 897 -2.25 -1.79 22.94
N ASP A 898 -2.83 -2.52 21.99
CA ASP A 898 -3.65 -1.89 20.96
C ASP A 898 -5.02 -1.48 21.49
N LYS A 899 -5.80 -2.45 22.00
CA LYS A 899 -7.20 -2.16 22.28
C LYS A 899 -7.36 -1.31 23.53
N GLU A 900 -6.83 -1.75 24.67
CA GLU A 900 -7.01 -1.09 25.97
C GLU A 900 -8.48 -0.83 26.30
N LEU B 400 -33.48 6.53 -14.34
CA LEU B 400 -33.94 6.69 -12.92
C LEU B 400 -33.01 5.89 -12.00
N LYS B 401 -32.64 4.66 -12.40
CA LYS B 401 -31.73 3.83 -11.58
C LYS B 401 -30.43 4.60 -11.33
N GLN B 402 -29.81 5.12 -12.41
CA GLN B 402 -28.52 5.85 -12.26
C GLN B 402 -28.74 7.13 -11.45
N LEU B 403 -29.84 7.84 -11.70
CA LEU B 403 -30.17 9.07 -10.92
C LEU B 403 -30.28 8.69 -9.45
N ASN B 404 -31.01 7.60 -9.15
CA ASN B 404 -31.14 7.13 -7.75
C ASN B 404 -29.74 6.84 -7.19
N LEU B 405 -28.90 6.13 -7.93
CA LEU B 405 -27.54 5.76 -7.45
C LEU B 405 -26.77 7.03 -7.05
N ASN B 406 -26.75 8.03 -7.94
CA ASN B 406 -26.02 9.30 -7.66
C ASN B 406 -26.66 9.96 -6.43
N ASN B 407 -27.99 9.97 -6.37
CA ASN B 407 -28.69 10.60 -5.24
C ASN B 407 -28.47 9.83 -3.95
N GLU B 408 -28.48 8.49 -4.03
CA GLU B 408 -28.39 7.67 -2.82
C GLU B 408 -27.03 7.82 -2.15
N TRP B 409 -25.95 7.72 -2.91
CA TRP B 409 -24.59 7.67 -2.37
C TRP B 409 -23.89 8.99 -2.64
N THR B 410 -23.85 9.84 -1.63
CA THR B 410 -23.06 11.06 -1.68
C THR B 410 -21.57 10.72 -1.66
N PRO B 411 -20.73 11.60 -2.19
CA PRO B 411 -19.28 11.37 -2.10
C PRO B 411 -18.76 11.24 -0.67
N ASP B 412 -19.39 11.91 0.31
CA ASP B 412 -18.98 11.75 1.69
C ASP B 412 -19.22 10.33 2.19
N LYS B 413 -20.33 9.73 1.77
CA LYS B 413 -20.58 8.33 2.10
C LYS B 413 -19.50 7.43 1.50
N LEU B 414 -19.04 7.77 0.29
CA LEU B 414 -17.94 7.02 -0.33
C LEU B 414 -16.63 7.24 0.41
N ARG B 415 -16.41 8.45 0.96
CA ARG B 415 -15.26 8.67 1.83
C ARG B 415 -15.32 7.76 3.05
N GLN B 416 -16.52 7.61 3.61
CA GLN B 416 -16.70 6.66 4.71
C GLN B 416 -16.42 5.23 4.26
N LYS B 417 -16.82 4.90 3.02
CA LYS B 417 -16.65 3.53 2.53
C LYS B 417 -15.20 3.23 2.18
N LEU B 418 -14.37 4.26 2.02
CA LEU B 418 -12.98 4.07 1.59
C LEU B 418 -12.20 3.22 2.57
N GLN B 419 -11.47 2.25 2.05
CA GLN B 419 -10.68 1.32 2.86
C GLN B 419 -9.52 0.79 2.03
N THR B 420 -8.73 -0.09 2.64
CA THR B 420 -7.61 -0.75 1.97
C THR B 420 -7.93 -2.22 1.76
N ASN B 421 -7.13 -2.87 0.93
CA ASN B 421 -7.37 -4.27 0.58
C ASN B 421 -6.12 -5.13 0.80
N ALA B 422 -6.16 -6.36 0.30
CA ALA B 422 -5.07 -7.32 0.44
C ALA B 422 -3.85 -6.97 -0.40
N HIS B 423 -3.94 -5.98 -1.29
CA HIS B 423 -2.82 -5.59 -2.13
C HIS B 423 -2.38 -4.14 -1.91
N ASN B 424 -2.77 -3.54 -0.78
CA ASN B 424 -2.39 -2.17 -0.41
C ASN B 424 -2.88 -1.16 -1.45
N ARG B 425 -4.15 -1.26 -1.83
CA ARG B 425 -4.79 -0.32 -2.73
C ARG B 425 -6.04 0.28 -2.07
N LEU B 426 -6.41 1.47 -2.53
CA LEU B 426 -7.62 2.15 -2.05
C LEU B 426 -8.84 1.44 -2.62
N GLU B 427 -9.56 0.76 -1.74
CA GLU B 427 -10.69 -0.06 -2.16
C GLU B 427 -12.03 0.59 -1.80
N LEU B 428 -12.99 0.46 -2.72
CA LEU B 428 -14.37 0.83 -2.44
C LEU B 428 -15.22 -0.43 -2.40
N PRO B 429 -15.57 -0.94 -1.21
CA PRO B 429 -16.46 -2.11 -1.16
C PRO B 429 -17.91 -1.73 -1.44
N LEU B 430 -18.42 -2.14 -2.60
CA LEU B 430 -19.82 -1.91 -2.97
C LEU B 430 -20.53 -3.26 -2.97
N ILE B 431 -21.54 -3.37 -2.11
CA ILE B 431 -22.17 -4.65 -1.79
C ILE B 431 -23.62 -4.60 -2.25
N MET B 432 -24.01 -5.56 -3.09
CA MET B 432 -25.41 -5.81 -3.50
C MET B 432 -26.13 -4.55 -3.98
N LEU B 433 -25.43 -3.78 -4.81
CA LEU B 433 -25.94 -2.51 -5.29
C LEU B 433 -26.83 -2.68 -6.50
N SER B 434 -27.67 -1.67 -6.74
CA SER B 434 -28.53 -1.67 -7.93
C SER B 434 -27.72 -1.37 -9.18
N GLY B 435 -26.63 -0.62 -9.04
CA GLY B 435 -25.79 -0.27 -10.15
C GLY B 435 -24.52 0.40 -9.66
N LEU B 436 -23.83 1.06 -10.58
CA LEU B 436 -22.64 1.82 -10.22
C LEU B 436 -22.91 3.30 -10.32
N PRO B 437 -22.81 4.06 -9.24
CA PRO B 437 -23.06 5.51 -9.33
C PRO B 437 -21.91 6.23 -10.02
N ASP B 438 -22.23 7.38 -10.62
CA ASP B 438 -21.20 8.24 -11.17
C ASP B 438 -20.43 8.94 -10.06
N THR B 439 -21.02 9.04 -8.86
CA THR B 439 -20.32 9.61 -7.72
C THR B 439 -19.10 8.77 -7.35
N VAL B 440 -19.15 7.46 -7.59
CA VAL B 440 -17.99 6.60 -7.37
C VAL B 440 -16.87 7.02 -8.31
N PHE B 441 -17.20 7.31 -9.56
CA PHE B 441 -16.18 7.68 -10.53
C PHE B 441 -15.72 9.13 -10.32
N GLU B 442 -16.51 9.92 -9.58
CA GLU B 442 -16.07 11.27 -9.23
C GLU B 442 -14.83 11.24 -8.34
N ILE B 443 -14.67 10.18 -7.55
CA ILE B 443 -13.45 9.99 -6.77
C ILE B 443 -12.33 9.62 -7.72
N THR B 444 -11.24 10.39 -7.70
CA THR B 444 -10.12 10.15 -8.60
C THR B 444 -8.88 9.60 -7.89
N GLU B 445 -8.87 9.59 -6.56
CA GLU B 445 -7.76 9.03 -5.78
C GLU B 445 -7.88 7.53 -5.61
N LEU B 446 -8.94 6.94 -6.16
CA LEU B 446 -9.24 5.52 -5.98
C LEU B 446 -8.25 4.62 -6.70
N GLN B 447 -7.78 3.59 -5.99
CA GLN B 447 -6.83 2.62 -6.54
C GLN B 447 -7.43 1.24 -6.82
N SER B 448 -8.60 0.91 -6.27
CA SER B 448 -9.16 -0.41 -6.48
C SER B 448 -10.67 -0.36 -6.31
N LEU B 449 -11.37 -1.09 -7.19
CA LEU B 449 -12.82 -1.12 -7.19
C LEU B 449 -13.31 -2.52 -6.81
N LYS B 450 -14.25 -2.58 -5.89
CA LYS B 450 -14.83 -3.85 -5.43
C LYS B 450 -16.33 -3.78 -5.69
N LEU B 451 -16.80 -4.58 -6.65
CA LEU B 451 -18.22 -4.66 -7.01
C LEU B 451 -18.69 -6.09 -6.76
N GLU B 452 -19.54 -6.27 -5.76
CA GLU B 452 -20.02 -7.58 -5.34
C GLU B 452 -21.51 -7.72 -5.67
N ILE B 453 -21.84 -8.76 -6.46
CA ILE B 453 -23.17 -9.08 -6.99
C ILE B 453 -23.96 -7.85 -7.43
N ILE B 454 -23.28 -6.89 -8.07
CA ILE B 454 -23.96 -5.77 -8.71
C ILE B 454 -24.13 -6.08 -10.19
N LYS B 455 -25.23 -6.75 -10.54
CA LYS B 455 -25.43 -7.21 -11.90
C LYS B 455 -26.20 -6.18 -12.73
N ASN B 456 -26.29 -6.45 -14.03
CA ASN B 456 -26.88 -5.54 -15.01
C ASN B 456 -26.28 -4.15 -14.92
N VAL B 457 -24.95 -4.09 -15.03
CA VAL B 457 -24.18 -2.86 -14.81
C VAL B 457 -23.35 -2.58 -16.05
N MET B 458 -23.45 -1.36 -16.56
CA MET B 458 -22.73 -0.94 -17.76
C MET B 458 -21.73 0.14 -17.38
N ILE B 459 -20.46 -0.10 -17.72
CA ILE B 459 -19.38 0.80 -17.33
C ILE B 459 -19.27 1.94 -18.33
N PRO B 460 -19.51 3.18 -17.90
CA PRO B 460 -19.49 4.31 -18.83
C PRO B 460 -18.07 4.78 -19.11
N ALA B 461 -17.97 5.89 -19.83
CA ALA B 461 -16.68 6.54 -20.05
C ALA B 461 -16.19 7.27 -18.81
N THR B 462 -17.07 7.47 -17.82
CA THR B 462 -16.72 8.30 -16.66
C THR B 462 -15.64 7.68 -15.79
N ILE B 463 -15.34 6.39 -15.95
CA ILE B 463 -14.23 5.79 -15.21
C ILE B 463 -12.91 6.37 -15.68
N ALA B 464 -12.90 7.05 -16.82
CA ALA B 464 -11.71 7.77 -17.26
C ALA B 464 -11.37 8.92 -16.32
N GLN B 465 -12.28 9.31 -15.43
CA GLN B 465 -11.95 10.32 -14.43
C GLN B 465 -10.86 9.82 -13.49
N LEU B 466 -11.01 8.60 -12.97
CA LEU B 466 -10.09 8.08 -11.96
C LEU B 466 -8.96 7.29 -12.64
N ASP B 467 -7.80 7.93 -12.69
CA ASP B 467 -6.62 7.33 -13.32
C ASP B 467 -5.86 6.41 -12.37
N ASN B 468 -6.17 6.44 -11.07
CA ASN B 468 -5.32 5.78 -10.09
C ASN B 468 -5.65 4.31 -9.94
N LEU B 469 -6.63 3.78 -10.69
CA LEU B 469 -7.02 2.39 -10.53
C LEU B 469 -5.89 1.45 -10.92
N GLN B 470 -5.71 0.40 -10.14
CA GLN B 470 -4.81 -0.69 -10.50
C GLN B 470 -5.45 -2.06 -10.31
N GLU B 471 -6.42 -2.19 -9.42
CA GLU B 471 -7.10 -3.44 -9.12
C GLU B 471 -8.59 -3.29 -9.37
N LEU B 472 -9.23 -4.36 -9.83
CA LEU B 472 -10.67 -4.40 -10.01
C LEU B 472 -11.21 -5.71 -9.47
N CYS B 473 -12.21 -5.63 -8.61
CA CYS B 473 -12.86 -6.80 -8.02
C CYS B 473 -14.29 -6.87 -8.55
N LEU B 474 -14.49 -7.70 -9.58
CA LEU B 474 -15.79 -7.85 -10.25
C LEU B 474 -16.39 -9.18 -9.78
N HIS B 475 -17.03 -9.18 -8.62
CA HIS B 475 -17.41 -10.40 -7.93
C HIS B 475 -18.88 -10.73 -8.17
N GLN B 476 -19.13 -11.93 -8.71
CA GLN B 476 -20.45 -12.45 -9.09
C GLN B 476 -21.36 -11.38 -9.70
N CYS B 477 -20.83 -10.62 -10.64
CA CYS B 477 -21.61 -9.56 -11.25
C CYS B 477 -21.40 -9.56 -12.75
N SER B 478 -22.52 -9.60 -13.48
CA SER B 478 -22.48 -9.48 -14.93
C SER B 478 -22.38 -8.00 -15.30
N VAL B 479 -21.24 -7.60 -15.85
CA VAL B 479 -20.95 -6.20 -16.12
C VAL B 479 -20.93 -5.98 -17.63
N LYS B 480 -21.36 -4.80 -18.05
CA LYS B 480 -21.33 -4.38 -19.43
C LYS B 480 -20.26 -3.31 -19.61
N ILE B 481 -20.07 -2.83 -20.83
CA ILE B 481 -18.91 -2.01 -21.16
C ILE B 481 -19.25 -0.99 -22.24
N HIS B 482 -18.39 0.03 -22.36
CA HIS B 482 -18.48 1.09 -23.35
C HIS B 482 -17.08 1.27 -23.96
N SER B 483 -17.03 1.85 -25.16
CA SER B 483 -15.79 1.87 -25.94
C SER B 483 -14.66 2.59 -25.23
N ALA B 484 -14.94 3.78 -24.67
CA ALA B 484 -13.90 4.52 -23.96
C ALA B 484 -13.45 3.76 -22.71
N ALA B 485 -14.38 3.05 -22.08
CA ALA B 485 -14.01 2.20 -20.94
C ALA B 485 -13.09 1.07 -21.38
N LEU B 486 -13.36 0.45 -22.54
CA LEU B 486 -12.44 -0.55 -23.08
C LEU B 486 -11.05 0.03 -23.28
N SER B 487 -10.98 1.21 -23.92
CA SER B 487 -9.67 1.82 -24.19
C SER B 487 -8.92 2.12 -22.91
N PHE B 488 -9.60 2.74 -21.93
CA PHE B 488 -8.90 3.16 -20.72
C PHE B 488 -8.49 1.96 -19.88
N LEU B 489 -9.36 0.95 -19.77
CA LEU B 489 -9.00 -0.20 -18.95
C LEU B 489 -8.03 -1.12 -19.67
N LYS B 490 -7.95 -1.01 -21.00
CA LYS B 490 -6.81 -1.57 -21.72
C LYS B 490 -5.53 -0.85 -21.35
N GLU B 491 -5.56 0.47 -21.26
CA GLU B 491 -4.37 1.25 -20.96
C GLU B 491 -3.96 1.18 -19.48
N ASN B 492 -4.92 1.11 -18.56
CA ASN B 492 -4.62 1.36 -17.15
C ASN B 492 -4.76 0.14 -16.25
N LEU B 493 -5.86 -0.62 -16.37
CA LEU B 493 -6.14 -1.70 -15.43
C LEU B 493 -5.10 -2.81 -15.55
N LYS B 494 -4.64 -3.32 -14.41
CA LYS B 494 -3.63 -4.38 -14.41
C LYS B 494 -4.00 -5.57 -13.53
N VAL B 495 -4.75 -5.34 -12.44
CA VAL B 495 -5.08 -6.38 -11.47
C VAL B 495 -6.58 -6.62 -11.49
N LEU B 496 -6.98 -7.89 -11.64
CA LEU B 496 -8.38 -8.27 -11.76
C LEU B 496 -8.67 -9.45 -10.82
N SER B 497 -9.82 -9.41 -10.15
CA SER B 497 -10.25 -10.45 -9.21
C SER B 497 -11.76 -10.64 -9.36
N VAL B 498 -12.16 -11.63 -10.16
CA VAL B 498 -13.56 -11.86 -10.45
C VAL B 498 -14.01 -13.19 -9.84
N LYS B 499 -15.30 -13.30 -9.55
CA LYS B 499 -15.89 -14.55 -9.09
C LYS B 499 -17.02 -14.93 -10.04
N PHE B 500 -16.92 -16.13 -10.63
CA PHE B 500 -17.95 -16.60 -11.56
C PHE B 500 -18.79 -17.69 -10.89
N ASP B 501 -19.77 -17.24 -10.11
CA ASP B 501 -20.78 -18.15 -9.58
C ASP B 501 -21.60 -18.73 -10.72
N ASP B 502 -21.95 -17.91 -11.71
CA ASP B 502 -22.54 -18.35 -12.96
C ASP B 502 -21.56 -18.07 -14.08
N MET B 503 -21.57 -18.93 -15.10
CA MET B 503 -20.64 -18.77 -16.22
C MET B 503 -20.87 -17.44 -16.95
N ARG B 504 -22.13 -17.00 -17.05
CA ARG B 504 -22.40 -15.73 -17.69
C ARG B 504 -22.08 -14.57 -16.75
N GLU B 505 -22.07 -14.83 -15.43
CA GLU B 505 -21.64 -13.81 -14.48
C GLU B 505 -20.16 -13.50 -14.63
N LEU B 506 -19.42 -14.36 -15.33
CA LEU B 506 -18.16 -13.98 -15.93
C LEU B 506 -18.43 -13.20 -17.22
N PRO B 507 -18.05 -11.93 -17.29
CA PRO B 507 -18.27 -11.16 -18.52
C PRO B 507 -17.22 -11.50 -19.56
N PRO B 508 -17.52 -11.36 -20.85
CA PRO B 508 -16.59 -11.77 -21.90
C PRO B 508 -15.54 -10.73 -22.25
N TRP B 509 -15.53 -9.57 -21.60
CA TRP B 509 -14.66 -8.49 -22.02
C TRP B 509 -13.36 -8.38 -21.21
N MET B 510 -13.10 -9.27 -20.24
CA MET B 510 -11.82 -9.25 -19.53
C MET B 510 -10.63 -9.40 -20.47
N TYR B 511 -10.87 -9.97 -21.65
CA TYR B 511 -9.79 -10.48 -22.48
C TYR B 511 -9.44 -9.52 -23.59
N GLY B 512 -10.17 -8.41 -23.72
CA GLY B 512 -9.78 -7.40 -24.68
C GLY B 512 -8.62 -6.55 -24.19
N LEU B 513 -8.30 -6.65 -22.90
CA LEU B 513 -7.22 -5.88 -22.31
C LEU B 513 -5.87 -6.48 -22.71
N ARG B 514 -4.82 -5.74 -22.40
CA ARG B 514 -3.44 -6.21 -22.54
C ARG B 514 -2.62 -5.93 -21.28
N ASN B 515 -2.87 -4.82 -20.60
CA ASN B 515 -2.07 -4.44 -19.44
C ASN B 515 -2.34 -5.29 -18.20
N LEU B 516 -3.35 -6.17 -18.25
CA LEU B 516 -3.69 -7.01 -17.11
C LEU B 516 -2.49 -7.87 -16.70
N GLU B 517 -2.22 -7.90 -15.39
CA GLU B 517 -1.10 -8.66 -14.85
C GLU B 517 -1.53 -9.73 -13.86
N GLU B 518 -2.45 -9.42 -12.95
CA GLU B 518 -2.91 -10.37 -11.94
C GLU B 518 -4.35 -10.77 -12.22
N LEU B 519 -4.66 -12.05 -12.05
CA LEU B 519 -6.00 -12.57 -12.27
C LEU B 519 -6.33 -13.56 -11.17
N TYR B 520 -7.54 -13.42 -10.61
CA TYR B 520 -8.03 -14.26 -9.51
C TYR B 520 -9.34 -14.89 -9.98
N LEU B 521 -9.25 -16.09 -10.54
CA LEU B 521 -10.42 -16.74 -11.14
C LEU B 521 -11.06 -17.70 -10.14
N VAL B 522 -11.66 -17.10 -9.11
CA VAL B 522 -12.37 -17.87 -8.10
C VAL B 522 -13.78 -18.22 -8.58
N GLY B 523 -14.26 -19.42 -8.21
CA GLY B 523 -15.62 -19.84 -8.60
C GLY B 523 -15.78 -21.34 -8.83
N SER B 524 -16.38 -21.73 -9.97
CA SER B 524 -16.66 -23.13 -10.29
C SER B 524 -16.74 -23.31 -11.80
N LEU B 525 -16.63 -24.57 -12.25
CA LEU B 525 -16.64 -24.91 -13.68
C LEU B 525 -17.37 -26.24 -13.88
N SER B 526 -17.87 -26.44 -15.11
CA SER B 526 -18.63 -27.64 -15.44
C SER B 526 -17.74 -28.69 -16.11
N HIS B 527 -18.40 -29.73 -16.64
CA HIS B 527 -17.68 -30.83 -17.28
C HIS B 527 -17.01 -30.41 -18.58
N ASP B 528 -17.69 -29.61 -19.41
CA ASP B 528 -17.15 -29.20 -20.71
C ASP B 528 -16.21 -28.01 -20.49
N ILE B 529 -15.02 -28.34 -20.02
CA ILE B 529 -14.03 -27.32 -19.64
C ILE B 529 -13.44 -26.65 -20.88
N SER B 530 -13.18 -27.44 -21.92
CA SER B 530 -12.44 -26.93 -23.07
C SER B 530 -13.27 -25.96 -23.90
N LYS B 531 -14.60 -25.96 -23.70
CA LYS B 531 -15.46 -25.10 -24.50
C LYS B 531 -15.43 -23.65 -24.05
N ASN B 532 -14.79 -23.35 -22.93
CA ASN B 532 -14.72 -21.97 -22.43
C ASN B 532 -13.73 -21.19 -23.28
N VAL B 533 -14.24 -20.59 -24.36
CA VAL B 533 -13.39 -19.73 -25.20
C VAL B 533 -13.02 -18.46 -24.45
N THR B 534 -13.76 -18.12 -23.40
CA THR B 534 -13.41 -16.99 -22.55
C THR B 534 -12.01 -17.16 -21.96
N LEU B 535 -11.63 -18.40 -21.63
CA LEU B 535 -10.29 -18.63 -21.10
C LEU B 535 -9.21 -18.42 -22.17
N GLU B 536 -9.41 -18.97 -23.36
CA GLU B 536 -8.36 -18.98 -24.38
C GLU B 536 -8.32 -17.70 -25.21
N SER B 537 -8.82 -16.59 -24.69
CA SER B 537 -8.63 -15.29 -25.31
C SER B 537 -7.54 -14.46 -24.63
N LEU B 538 -6.94 -14.98 -23.55
CA LEU B 538 -5.85 -14.28 -22.87
C LEU B 538 -4.59 -14.18 -23.72
N ARG B 539 -4.63 -14.68 -24.97
CA ARG B 539 -3.58 -14.35 -25.93
C ARG B 539 -3.51 -12.86 -26.18
N ASP B 540 -4.62 -12.14 -25.98
CA ASP B 540 -4.57 -10.68 -26.11
C ASP B 540 -3.88 -10.06 -24.90
N LEU B 541 -3.87 -10.75 -23.77
CA LEU B 541 -3.11 -10.29 -22.61
C LEU B 541 -1.63 -10.52 -22.84
N LYS B 542 -0.83 -9.48 -22.64
CA LYS B 542 0.61 -9.54 -22.81
C LYS B 542 1.36 -9.45 -21.49
N SER B 543 0.75 -8.83 -20.48
CA SER B 543 1.43 -8.58 -19.22
C SER B 543 0.97 -9.49 -18.08
N LEU B 544 0.15 -10.50 -18.36
CA LEU B 544 -0.39 -11.36 -17.30
C LEU B 544 0.71 -12.17 -16.64
N LYS B 545 0.79 -12.09 -15.31
CA LYS B 545 1.82 -12.76 -14.55
C LYS B 545 1.31 -13.57 -13.37
N ILE B 546 0.11 -13.28 -12.87
CA ILE B 546 -0.47 -13.96 -11.73
C ILE B 546 -1.82 -14.52 -12.14
N LEU B 547 -2.01 -15.83 -11.95
CA LEU B 547 -3.26 -16.50 -12.29
C LEU B 547 -3.59 -17.47 -11.16
N SER B 548 -4.72 -17.24 -10.49
CA SER B 548 -5.17 -18.08 -9.40
C SER B 548 -6.61 -18.49 -9.69
N ILE B 549 -6.81 -19.79 -9.95
CA ILE B 549 -8.12 -20.29 -10.34
C ILE B 549 -8.68 -21.23 -9.29
N LYS B 550 -9.43 -20.69 -8.33
CA LYS B 550 -10.15 -21.51 -7.35
C LYS B 550 -11.44 -21.97 -8.03
N SER B 551 -11.39 -23.18 -8.58
CA SER B 551 -12.51 -23.75 -9.30
C SER B 551 -12.30 -25.26 -9.41
N ASN B 552 -13.40 -25.97 -9.67
CA ASN B 552 -13.35 -27.41 -9.87
C ASN B 552 -12.94 -27.67 -11.32
N VAL B 553 -11.66 -27.43 -11.61
CA VAL B 553 -11.10 -27.56 -12.95
C VAL B 553 -10.42 -28.91 -13.03
N SER B 554 -10.92 -29.78 -13.91
CA SER B 554 -10.33 -31.10 -14.09
C SER B 554 -9.25 -31.08 -15.19
N LYS B 555 -9.47 -30.33 -16.26
CA LYS B 555 -8.54 -30.23 -17.37
C LYS B 555 -7.97 -28.82 -17.45
N ILE B 556 -6.65 -28.72 -17.43
CA ILE B 556 -6.00 -27.42 -17.65
C ILE B 556 -6.25 -26.99 -19.09
N PRO B 557 -6.79 -25.79 -19.32
CA PRO B 557 -7.17 -25.40 -20.69
C PRO B 557 -5.96 -25.11 -21.56
N GLN B 558 -6.20 -25.13 -22.88
CA GLN B 558 -5.19 -24.67 -23.84
C GLN B 558 -4.93 -23.17 -23.72
N ALA B 559 -5.81 -22.45 -23.01
CA ALA B 559 -5.56 -21.07 -22.66
C ALA B 559 -4.22 -20.90 -21.96
N VAL B 560 -3.99 -21.70 -20.92
CA VAL B 560 -2.74 -21.63 -20.17
C VAL B 560 -1.58 -22.01 -21.06
N VAL B 561 -1.80 -22.97 -21.96
CA VAL B 561 -0.76 -23.37 -22.92
C VAL B 561 -0.33 -22.19 -23.77
N ASP B 562 -1.31 -21.42 -24.26
CA ASP B 562 -1.00 -20.24 -25.05
C ASP B 562 -0.29 -19.18 -24.22
N VAL B 563 -0.73 -18.97 -22.98
CA VAL B 563 -0.24 -17.83 -22.21
C VAL B 563 0.95 -18.22 -21.34
N SER B 564 1.50 -19.42 -21.56
CA SER B 564 2.64 -19.88 -20.80
C SER B 564 3.88 -19.01 -20.93
N SER B 565 4.00 -18.23 -22.01
CA SER B 565 5.23 -17.46 -22.25
C SER B 565 5.43 -16.39 -21.18
N HIS B 566 4.36 -15.78 -20.71
CA HIS B 566 4.45 -14.67 -19.76
C HIS B 566 3.83 -14.96 -18.40
N LEU B 567 3.14 -16.08 -18.24
CA LEU B 567 2.54 -16.41 -16.95
C LEU B 567 3.58 -16.95 -15.98
N GLN B 568 3.41 -16.65 -14.69
CA GLN B 568 4.39 -17.04 -13.69
C GLN B 568 3.84 -17.74 -12.45
N LYS B 569 2.60 -17.47 -12.04
CA LYS B 569 2.09 -18.03 -10.80
C LYS B 569 0.75 -18.73 -11.03
N MET B 570 0.63 -19.95 -10.50
CA MET B 570 -0.61 -20.74 -10.50
C MET B 570 -1.05 -21.04 -9.08
N CYS B 571 -2.34 -20.86 -8.82
CA CYS B 571 -2.97 -21.24 -7.56
C CYS B 571 -4.35 -21.80 -7.87
N VAL B 572 -4.50 -23.12 -7.78
CA VAL B 572 -5.74 -23.80 -8.15
C VAL B 572 -6.24 -24.59 -6.95
N HIS B 573 -7.51 -24.36 -6.58
CA HIS B 573 -8.21 -25.11 -5.54
C HIS B 573 -9.35 -25.86 -6.20
N ASN B 574 -9.13 -27.16 -6.44
CA ASN B 574 -10.18 -27.98 -7.04
C ASN B 574 -11.24 -28.38 -6.03
N ASP B 575 -10.84 -28.57 -4.77
CA ASP B 575 -11.74 -28.99 -3.67
C ASP B 575 -12.44 -30.32 -3.99
N GLY B 576 -11.63 -31.38 -4.09
CA GLY B 576 -12.14 -32.72 -4.29
C GLY B 576 -12.24 -33.14 -5.74
N THR B 577 -11.92 -32.25 -6.67
CA THR B 577 -12.02 -32.57 -8.09
C THR B 577 -10.68 -33.04 -8.63
N LYS B 578 -10.70 -34.18 -9.33
CA LYS B 578 -9.47 -34.72 -9.91
C LYS B 578 -9.03 -33.87 -11.09
N LEU B 579 -7.74 -33.53 -11.11
CA LEU B 579 -7.15 -32.79 -12.22
C LEU B 579 -6.48 -33.78 -13.16
N VAL B 580 -6.80 -33.68 -14.46
CA VAL B 580 -6.30 -34.58 -15.48
C VAL B 580 -5.74 -33.75 -16.62
N MET B 581 -5.29 -34.46 -17.68
CA MET B 581 -4.80 -33.84 -18.92
C MET B 581 -3.60 -32.93 -18.65
N LEU B 582 -2.53 -33.52 -18.10
CA LEU B 582 -1.42 -32.71 -17.59
C LEU B 582 -0.41 -32.33 -18.66
N ASN B 583 -0.64 -32.68 -19.92
CA ASN B 583 0.19 -32.15 -20.99
C ASN B 583 0.02 -30.64 -21.12
N ASN B 584 -1.17 -30.14 -20.80
CA ASN B 584 -1.41 -28.70 -20.82
C ASN B 584 -0.56 -27.98 -19.76
N LEU B 585 -0.13 -28.72 -18.75
CA LEU B 585 0.83 -28.17 -17.79
C LEU B 585 2.27 -28.57 -18.18
N LYS B 586 2.42 -29.59 -19.03
CA LYS B 586 3.73 -29.86 -19.62
C LYS B 586 4.21 -28.69 -20.46
N LYS B 587 3.34 -28.17 -21.32
CA LYS B 587 3.75 -27.10 -22.21
C LYS B 587 3.75 -25.74 -21.52
N MET B 588 3.88 -25.75 -20.19
CA MET B 588 4.37 -24.58 -19.47
C MET B 588 5.86 -24.42 -19.75
N THR B 589 6.30 -23.21 -20.07
CA THR B 589 7.72 -23.00 -20.35
C THR B 589 8.36 -22.00 -19.41
N ASN B 590 7.76 -20.81 -19.29
CA ASN B 590 8.37 -19.74 -18.49
C ASN B 590 7.77 -19.61 -17.10
N LEU B 591 6.85 -20.50 -16.73
CA LEU B 591 6.22 -20.45 -15.42
C LEU B 591 7.24 -20.65 -14.29
N THR B 592 7.03 -19.92 -13.19
CA THR B 592 7.92 -20.00 -12.04
C THR B 592 7.25 -20.53 -10.77
N GLU B 593 5.96 -20.28 -10.58
CA GLU B 593 5.25 -20.73 -9.39
C GLU B 593 4.07 -21.61 -9.79
N LEU B 594 3.87 -22.68 -9.02
CA LEU B 594 2.80 -23.64 -9.25
C LEU B 594 2.25 -24.09 -7.91
N GLU B 595 1.02 -23.67 -7.60
CA GLU B 595 0.37 -24.07 -6.35
C GLU B 595 -0.94 -24.80 -6.69
N LEU B 596 -0.86 -26.13 -6.70
CA LEU B 596 -2.02 -26.96 -7.01
C LEU B 596 -2.60 -27.52 -5.71
N VAL B 597 -3.87 -27.19 -5.43
CA VAL B 597 -4.53 -27.58 -4.19
C VAL B 597 -5.67 -28.53 -4.54
N HIS B 598 -5.66 -29.72 -3.94
CA HIS B 598 -6.74 -30.70 -4.04
C HIS B 598 -7.01 -31.11 -5.49
N CYS B 599 -5.94 -31.14 -6.29
CA CYS B 599 -6.03 -31.54 -7.68
C CYS B 599 -6.09 -33.05 -7.86
N ASP B 600 -5.95 -33.81 -6.77
CA ASP B 600 -6.00 -35.28 -6.79
C ASP B 600 -4.96 -35.86 -7.75
N LEU B 601 -3.76 -35.28 -7.75
CA LEU B 601 -2.66 -35.79 -8.54
C LEU B 601 -1.95 -36.87 -7.75
N GLU B 602 -2.16 -38.14 -8.15
CA GLU B 602 -1.53 -39.27 -7.49
C GLU B 602 -0.01 -39.24 -7.58
N ARG B 603 0.54 -38.82 -8.72
CA ARG B 603 1.99 -38.77 -8.89
C ARG B 603 2.35 -37.41 -9.48
N ILE B 604 3.57 -36.98 -9.20
CA ILE B 604 4.10 -35.74 -9.77
C ILE B 604 4.31 -35.99 -11.25
N PRO B 605 3.66 -35.23 -12.13
CA PRO B 605 3.74 -35.53 -13.56
C PRO B 605 5.08 -35.09 -14.13
N HIS B 606 5.36 -35.57 -15.35
CA HIS B 606 6.51 -35.08 -16.09
C HIS B 606 6.31 -33.63 -16.55
N ALA B 607 5.11 -33.10 -16.35
CA ALA B 607 4.84 -31.69 -16.61
C ALA B 607 5.72 -30.78 -15.76
N VAL B 608 5.85 -31.09 -14.46
CA VAL B 608 6.63 -30.25 -13.56
C VAL B 608 8.11 -30.28 -13.95
N PHE B 609 8.59 -31.44 -14.42
CA PHE B 609 9.99 -31.53 -14.81
C PHE B 609 10.24 -30.97 -16.20
N SER B 610 9.19 -30.88 -17.03
CA SER B 610 9.31 -30.14 -18.28
C SER B 610 9.54 -28.66 -18.01
N LEU B 611 9.01 -28.17 -16.89
CA LEU B 611 9.33 -26.82 -16.44
C LEU B 611 10.79 -26.73 -16.02
N LEU B 612 11.53 -25.84 -16.66
CA LEU B 612 12.95 -25.67 -16.39
C LEU B 612 13.26 -24.41 -15.59
N SER B 613 12.24 -23.61 -15.26
CA SER B 613 12.42 -22.37 -14.51
C SER B 613 11.35 -22.19 -13.44
N LEU B 614 10.99 -23.27 -12.74
CA LEU B 614 9.96 -23.20 -11.71
C LEU B 614 10.62 -22.83 -10.39
N GLN B 615 10.30 -21.64 -9.89
CA GLN B 615 10.85 -21.19 -8.61
C GLN B 615 10.32 -22.05 -7.47
N GLU B 616 9.04 -22.40 -7.50
CA GLU B 616 8.43 -23.13 -6.40
C GLU B 616 7.34 -24.06 -6.91
N LEU B 617 7.03 -25.07 -6.11
CA LEU B 617 5.97 -26.02 -6.42
C LEU B 617 5.16 -26.30 -5.16
N ASP B 618 3.84 -26.36 -5.31
CA ASP B 618 2.95 -26.77 -4.24
C ASP B 618 2.06 -27.89 -4.77
N LEU B 619 2.00 -28.99 -4.03
CA LEU B 619 1.19 -30.14 -4.38
C LEU B 619 0.17 -30.35 -3.27
N LYS B 620 -0.47 -29.27 -2.87
CA LYS B 620 -1.35 -29.20 -1.71
C LYS B 620 -2.55 -30.14 -1.89
N GLU B 621 -2.87 -30.85 -0.81
CA GLU B 621 -4.01 -31.75 -0.72
C GLU B 621 -3.99 -32.79 -1.84
N ASN B 622 -2.80 -33.12 -2.32
CA ASN B 622 -2.65 -34.07 -3.41
C ASN B 622 -2.10 -35.38 -2.84
N ASN B 623 -2.77 -36.48 -3.15
CA ASN B 623 -2.47 -37.77 -2.51
C ASN B 623 -1.17 -38.37 -3.05
N LEU B 624 -0.06 -37.79 -2.62
CA LEU B 624 1.25 -38.36 -2.95
C LEU B 624 1.63 -39.43 -1.95
N LYS B 625 1.24 -40.67 -2.26
CA LYS B 625 1.61 -41.84 -1.47
C LYS B 625 3.10 -42.13 -1.51
N SER B 626 3.72 -42.04 -2.69
CA SER B 626 5.15 -42.27 -2.85
C SER B 626 5.74 -41.18 -3.73
N ILE B 627 7.02 -40.89 -3.51
CA ILE B 627 7.74 -39.91 -4.30
C ILE B 627 8.91 -40.57 -5.02
N GLU B 628 8.68 -41.01 -6.26
CA GLU B 628 9.66 -41.74 -7.03
C GLU B 628 10.07 -41.04 -8.31
N GLU B 629 9.40 -39.95 -8.68
CA GLU B 629 9.70 -39.22 -9.90
C GLU B 629 10.62 -38.03 -9.66
N ILE B 630 11.23 -37.94 -8.47
CA ILE B 630 12.11 -36.82 -8.14
C ILE B 630 13.39 -36.82 -8.97
N VAL B 631 13.66 -37.89 -9.71
CA VAL B 631 14.90 -37.99 -10.49
C VAL B 631 15.00 -36.86 -11.50
N SER B 632 13.87 -36.50 -12.11
CA SER B 632 13.83 -35.40 -13.07
C SER B 632 13.66 -34.04 -12.40
N PHE B 633 13.38 -34.00 -11.09
CA PHE B 633 13.27 -32.75 -10.36
C PHE B 633 14.56 -31.94 -10.36
N GLN B 634 15.69 -32.57 -10.68
CA GLN B 634 16.95 -31.85 -10.85
C GLN B 634 16.88 -30.83 -11.98
N HIS B 635 15.99 -31.01 -12.95
CA HIS B 635 15.84 -30.04 -14.03
C HIS B 635 15.30 -28.71 -13.54
N LEU B 636 14.60 -28.69 -12.39
CA LEU B 636 14.12 -27.46 -11.79
C LEU B 636 15.21 -26.86 -10.89
N ARG B 637 16.20 -26.24 -11.54
CA ARG B 637 17.28 -25.60 -10.81
C ARG B 637 16.79 -24.39 -10.01
N LYS B 638 15.72 -23.74 -10.46
CA LYS B 638 15.14 -22.62 -9.74
C LYS B 638 14.31 -23.07 -8.54
N LEU B 639 14.02 -24.37 -8.43
CA LEU B 639 13.18 -24.86 -7.35
C LEU B 639 13.89 -24.75 -6.01
N THR B 640 13.37 -23.88 -5.15
CA THR B 640 13.81 -23.78 -3.77
C THR B 640 12.72 -24.15 -2.77
N VAL B 641 11.47 -24.11 -3.18
CA VAL B 641 10.32 -24.36 -2.32
C VAL B 641 9.63 -25.64 -2.75
N LEU B 642 9.49 -26.57 -1.82
CA LEU B 642 8.75 -27.83 -2.03
C LEU B 642 7.81 -27.98 -0.84
N LYS B 643 6.61 -27.39 -0.95
CA LYS B 643 5.67 -27.35 0.17
C LYS B 643 4.69 -28.52 0.07
N LEU B 644 5.19 -29.71 0.33
CA LEU B 644 4.40 -30.93 0.19
C LEU B 644 3.77 -31.31 1.53
N TRP B 645 2.96 -30.38 2.06
CA TRP B 645 2.46 -30.59 3.45
C TRP B 645 1.04 -31.19 3.47
N TYR B 646 0.61 -31.70 4.64
CA TYR B 646 -0.68 -32.44 4.74
C TYR B 646 -0.63 -33.55 3.69
N ASN B 647 0.56 -34.14 3.50
CA ASN B 647 0.69 -35.15 2.46
C ASN B 647 0.85 -36.54 3.07
N SER B 648 1.02 -37.53 2.20
CA SER B 648 1.09 -38.94 2.60
C SER B 648 2.39 -39.61 2.18
N ILE B 649 3.50 -38.86 2.18
CA ILE B 649 4.79 -39.44 1.85
C ILE B 649 5.24 -40.33 2.98
N ALA B 650 5.19 -41.65 2.75
CA ALA B 650 5.50 -42.64 3.78
C ALA B 650 6.97 -42.75 4.15
N TYR B 651 7.88 -42.58 3.20
CA TYR B 651 9.31 -42.65 3.46
C TYR B 651 9.97 -41.72 2.46
N ILE B 652 11.19 -41.29 2.75
CA ILE B 652 11.89 -40.35 1.88
C ILE B 652 13.12 -41.05 1.30
N PRO B 653 13.20 -41.21 -0.02
CA PRO B 653 14.30 -41.95 -0.63
C PRO B 653 15.57 -41.12 -0.89
N GLU B 654 16.53 -41.75 -1.57
CA GLU B 654 17.80 -41.12 -1.90
C GLU B 654 17.69 -40.09 -3.01
N HIS B 655 16.58 -40.09 -3.75
CA HIS B 655 16.44 -39.25 -4.94
C HIS B 655 16.52 -37.76 -4.62
N ILE B 656 16.37 -37.40 -3.34
CA ILE B 656 16.55 -36.02 -2.90
C ILE B 656 17.93 -35.47 -3.25
N LYS B 657 18.92 -36.34 -3.49
CA LYS B 657 20.23 -35.85 -3.90
C LYS B 657 20.23 -35.25 -5.30
N LYS B 658 19.17 -35.44 -6.09
CA LYS B 658 19.15 -34.90 -7.44
C LYS B 658 19.20 -33.38 -7.44
N LEU B 659 18.48 -32.74 -6.51
CA LEU B 659 18.47 -31.29 -6.40
C LEU B 659 18.97 -30.87 -5.03
N THR B 660 19.98 -30.00 -5.01
CA THR B 660 20.47 -29.41 -3.77
C THR B 660 20.16 -27.93 -3.65
N SER B 661 19.65 -27.30 -4.72
CA SER B 661 19.24 -25.90 -4.67
C SER B 661 17.97 -25.70 -3.84
N LEU B 662 17.32 -26.79 -3.45
CA LEU B 662 16.15 -26.76 -2.59
C LEU B 662 16.43 -26.00 -1.31
N GLU B 663 15.55 -25.05 -0.98
CA GLU B 663 15.70 -24.24 0.23
C GLU B 663 14.52 -24.39 1.17
N ARG B 664 13.29 -24.24 0.67
CA ARG B 664 12.08 -24.36 1.49
C ARG B 664 11.56 -25.78 1.33
N LEU B 665 11.29 -26.46 2.44
CA LEU B 665 10.91 -27.87 2.41
C LEU B 665 9.83 -28.12 3.46
N PHE B 666 8.57 -28.09 3.03
CA PHE B 666 7.44 -28.30 3.94
C PHE B 666 6.88 -29.71 3.73
N PHE B 667 7.19 -30.61 4.65
CA PHE B 667 6.52 -31.91 4.75
C PHE B 667 5.68 -32.01 6.02
N SER B 668 4.96 -30.95 6.39
CA SER B 668 4.16 -31.04 7.61
C SER B 668 2.99 -32.00 7.42
N HIS B 669 2.69 -32.74 8.50
CA HIS B 669 1.62 -33.75 8.55
C HIS B 669 1.85 -34.85 7.52
N ASN B 670 3.11 -35.18 7.26
CA ASN B 670 3.43 -36.23 6.29
C ASN B 670 3.41 -37.59 6.97
N LYS B 671 3.42 -38.63 6.15
CA LYS B 671 3.41 -40.01 6.60
C LYS B 671 4.81 -40.56 6.84
N VAL B 672 5.82 -39.69 6.93
CA VAL B 672 7.20 -40.15 7.05
C VAL B 672 7.39 -40.84 8.39
N GLU B 673 8.07 -41.99 8.35
CA GLU B 673 8.34 -42.76 9.57
C GLU B 673 9.73 -42.47 10.12
N VAL B 674 10.76 -42.67 9.31
CA VAL B 674 12.15 -42.39 9.68
C VAL B 674 12.78 -41.56 8.57
N LEU B 675 13.46 -40.47 8.96
CA LEU B 675 14.22 -39.71 7.99
C LEU B 675 15.43 -40.50 7.55
N PRO B 676 15.89 -40.37 6.31
CA PRO B 676 17.07 -41.11 5.88
C PRO B 676 18.36 -40.36 6.20
N SER B 677 19.47 -40.94 5.74
CA SER B 677 20.75 -40.23 5.79
C SER B 677 20.93 -39.27 4.63
N HIS B 678 19.91 -39.12 3.77
CA HIS B 678 20.15 -38.56 2.45
C HIS B 678 19.41 -37.24 2.23
N LEU B 679 18.52 -36.87 3.16
CA LEU B 679 17.94 -35.53 3.12
C LEU B 679 18.97 -34.44 3.35
N PHE B 680 19.77 -34.58 4.42
CA PHE B 680 20.59 -33.50 4.91
C PHE B 680 21.90 -33.35 4.15
N LEU B 681 22.09 -34.09 3.06
CA LEU B 681 23.23 -33.86 2.18
C LEU B 681 23.10 -32.51 1.46
N CYS B 682 21.88 -32.13 1.10
CA CYS B 682 21.64 -30.87 0.40
C CYS B 682 21.76 -29.73 1.41
N ASN B 683 22.98 -29.21 1.58
CA ASN B 683 23.25 -28.23 2.63
C ASN B 683 22.57 -26.89 2.39
N LYS B 684 22.14 -26.61 1.15
CA LYS B 684 21.52 -25.31 0.86
C LYS B 684 20.13 -25.19 1.46
N ILE B 685 19.57 -26.29 1.99
CA ILE B 685 18.26 -26.26 2.62
C ILE B 685 18.32 -25.42 3.88
N ARG B 686 17.41 -24.45 3.99
CA ARG B 686 17.33 -23.61 5.17
C ARG B 686 15.98 -23.70 5.89
N TYR B 687 14.96 -24.23 5.22
CA TYR B 687 13.56 -24.09 5.62
C TYR B 687 12.89 -25.44 5.48
N LEU B 688 12.95 -26.25 6.55
CA LEU B 688 12.56 -27.65 6.55
C LEU B 688 11.45 -27.86 7.59
N ASP B 689 10.32 -28.41 7.15
CA ASP B 689 9.13 -28.56 7.97
C ASP B 689 8.69 -30.03 8.01
N LEU B 690 8.40 -30.51 9.22
CA LEU B 690 7.84 -31.84 9.48
C LEU B 690 6.76 -31.75 10.55
N SER B 691 6.00 -30.67 10.54
CA SER B 691 5.07 -30.38 11.62
C SER B 691 3.92 -31.38 11.67
N TYR B 692 3.59 -31.82 12.89
CA TYR B 692 2.48 -32.75 13.13
C TYR B 692 2.65 -34.06 12.37
N ASN B 693 3.88 -34.54 12.25
CA ASN B 693 4.22 -35.84 11.69
C ASN B 693 4.24 -36.88 12.81
N ASP B 694 4.78 -38.06 12.53
CA ASP B 694 4.91 -39.10 13.55
C ASP B 694 6.27 -39.79 13.44
N ILE B 695 7.35 -39.02 13.30
CA ILE B 695 8.69 -39.59 13.20
C ILE B 695 9.06 -40.25 14.52
N ARG B 696 9.62 -41.46 14.43
CA ARG B 696 10.01 -42.18 15.65
C ARG B 696 11.21 -41.52 16.33
N PHE B 697 12.26 -41.21 15.58
CA PHE B 697 13.46 -40.62 16.17
C PHE B 697 14.25 -39.89 15.08
N ILE B 698 15.16 -39.03 15.53
CA ILE B 698 15.99 -38.21 14.67
C ILE B 698 17.39 -38.82 14.60
N PRO B 699 17.84 -39.28 13.44
CA PRO B 699 19.22 -39.77 13.33
C PRO B 699 20.19 -38.62 13.35
N PRO B 700 21.48 -38.88 13.65
CA PRO B 700 22.42 -37.77 13.87
C PRO B 700 22.90 -37.06 12.61
N GLU B 701 22.64 -37.60 11.41
CA GLU B 701 23.09 -36.99 10.17
C GLU B 701 22.54 -35.58 9.95
N ILE B 702 21.55 -35.16 10.76
CA ILE B 702 21.13 -33.77 10.84
C ILE B 702 22.28 -32.80 11.03
N GLY B 703 23.43 -33.28 11.52
CA GLY B 703 24.58 -32.40 11.66
C GLY B 703 25.08 -31.82 10.35
N VAL B 704 24.75 -32.46 9.22
CA VAL B 704 25.24 -31.95 7.93
C VAL B 704 24.54 -30.65 7.56
N LEU B 705 23.26 -30.51 7.90
CA LEU B 705 22.50 -29.30 7.58
C LEU B 705 22.94 -28.14 8.47
N GLN B 706 23.97 -27.44 8.01
CA GLN B 706 24.45 -26.26 8.73
C GLN B 706 23.74 -25.00 8.28
N SER B 707 23.56 -24.82 6.96
CA SER B 707 22.87 -23.62 6.46
C SER B 707 21.38 -23.65 6.71
N LEU B 708 20.87 -24.67 7.40
CA LEU B 708 19.49 -24.69 7.85
C LEU B 708 19.20 -23.50 8.76
N GLN B 709 18.05 -22.86 8.55
CA GLN B 709 17.57 -21.82 9.45
C GLN B 709 16.19 -22.12 10.00
N TYR B 710 15.60 -23.27 9.65
CA TYR B 710 14.27 -23.66 10.09
C TYR B 710 14.19 -25.18 10.04
N PHE B 711 13.92 -25.79 11.19
CA PHE B 711 13.81 -27.25 11.29
C PHE B 711 12.61 -27.55 12.17
N SER B 712 11.46 -27.76 11.53
CA SER B 712 10.21 -28.05 12.23
C SER B 712 9.95 -29.54 12.17
N ILE B 713 9.80 -30.17 13.34
CA ILE B 713 9.33 -31.55 13.41
C ILE B 713 8.21 -31.69 14.44
N THR B 714 7.42 -30.63 14.64
CA THR B 714 6.53 -30.54 15.79
C THR B 714 5.50 -31.69 15.81
N CYS B 715 5.05 -32.01 17.03
CA CYS B 715 4.08 -33.10 17.29
C CYS B 715 4.56 -34.44 16.75
N ASN B 716 5.85 -34.70 16.80
CA ASN B 716 6.41 -35.96 16.37
C ASN B 716 6.35 -36.96 17.52
N LYS B 717 6.85 -38.17 17.27
CA LYS B 717 7.07 -39.16 18.31
C LYS B 717 8.55 -39.26 18.67
N VAL B 718 9.31 -38.22 18.35
CA VAL B 718 10.76 -38.26 18.51
C VAL B 718 11.10 -38.21 19.99
N GLU B 719 11.76 -39.27 20.48
CA GLU B 719 12.21 -39.34 21.85
C GLU B 719 13.65 -38.92 22.06
N SER B 720 14.43 -38.80 20.98
CA SER B 720 15.87 -38.53 21.07
C SER B 720 16.24 -37.41 20.12
N LEU B 721 16.72 -36.30 20.68
CA LEU B 721 17.37 -35.27 19.88
C LEU B 721 18.87 -35.33 20.13
N PRO B 722 19.66 -35.78 19.16
CA PRO B 722 21.12 -35.75 19.34
C PRO B 722 21.62 -34.31 19.31
N ASP B 723 22.80 -34.11 19.89
CA ASP B 723 23.32 -32.76 20.13
C ASP B 723 23.87 -32.10 18.87
N GLU B 724 23.81 -32.74 17.70
CA GLU B 724 24.40 -32.13 16.51
C GLU B 724 23.49 -31.05 15.91
N LEU B 725 22.18 -31.15 16.14
CA LEU B 725 21.33 -30.01 15.76
C LEU B 725 21.58 -28.82 16.69
N TYR B 726 21.97 -29.09 17.94
CA TYR B 726 22.43 -28.02 18.81
C TYR B 726 23.81 -27.53 18.38
N PHE B 727 24.56 -28.38 17.68
CA PHE B 727 25.86 -27.95 17.14
C PHE B 727 25.69 -27.01 15.96
N CYS B 728 24.64 -27.19 15.16
CA CYS B 728 24.38 -26.27 14.06
C CYS B 728 23.85 -24.94 14.59
N LYS B 729 24.69 -23.90 14.55
CA LYS B 729 24.38 -22.60 15.14
C LYS B 729 23.66 -21.66 14.17
N LYS B 730 23.71 -21.92 12.86
CA LYS B 730 22.98 -21.11 11.89
C LYS B 730 21.49 -21.40 11.89
N LEU B 731 21.04 -22.38 12.66
CA LEU B 731 19.65 -22.77 12.72
C LEU B 731 18.81 -21.73 13.46
N LYS B 732 18.19 -20.83 12.71
CA LYS B 732 17.45 -19.73 13.31
C LYS B 732 16.16 -20.22 13.95
N THR B 733 15.29 -20.87 13.19
CA THR B 733 14.08 -21.48 13.71
C THR B 733 14.33 -22.98 13.87
N LEU B 734 13.78 -23.57 14.93
CA LEU B 734 13.93 -25.00 15.16
C LEU B 734 12.74 -25.46 16.00
N LYS B 735 11.70 -26.01 15.37
CA LYS B 735 10.47 -26.37 16.08
C LYS B 735 10.41 -27.87 16.33
N ILE B 736 10.48 -28.26 17.61
CA ILE B 736 10.52 -29.65 18.06
C ILE B 736 9.37 -29.90 19.03
N GLY B 737 8.24 -29.24 18.81
CA GLY B 737 7.18 -29.27 19.81
C GLY B 737 6.43 -30.59 19.87
N LYS B 738 5.97 -30.89 21.08
CA LYS B 738 5.09 -32.04 21.36
C LYS B 738 5.67 -33.35 20.86
N ASN B 739 6.98 -33.52 21.05
CA ASN B 739 7.66 -34.77 20.74
C ASN B 739 7.72 -35.62 22.00
N SER B 740 8.51 -36.69 21.95
CA SER B 740 8.70 -37.57 23.10
C SER B 740 10.04 -37.34 23.79
N LEU B 741 10.61 -36.14 23.67
CA LEU B 741 11.91 -35.86 24.27
C LEU B 741 11.80 -35.79 25.77
N SER B 742 12.95 -35.78 26.45
CA SER B 742 12.96 -35.89 27.91
C SER B 742 13.44 -34.60 28.58
N VAL B 743 14.64 -34.13 28.25
CA VAL B 743 15.27 -33.01 28.94
C VAL B 743 15.79 -32.03 27.89
N LEU B 744 15.54 -30.73 28.11
CA LEU B 744 16.14 -29.70 27.29
C LEU B 744 17.66 -29.70 27.46
N SER B 745 18.37 -29.48 26.37
CA SER B 745 19.83 -29.61 26.39
C SER B 745 20.44 -28.51 27.26
N PRO B 746 21.31 -28.86 28.22
CA PRO B 746 21.97 -27.82 29.01
C PRO B 746 22.92 -26.96 28.19
N LYS B 747 23.63 -27.55 27.24
CA LYS B 747 24.54 -26.81 26.37
C LYS B 747 23.77 -26.24 25.18
N ILE B 748 22.69 -25.51 25.46
CA ILE B 748 21.87 -24.91 24.41
C ILE B 748 22.30 -23.48 24.10
N GLY B 749 23.08 -22.85 24.99
CA GLY B 749 23.51 -21.49 24.76
C GLY B 749 24.54 -21.37 23.66
N ASN B 750 25.05 -22.50 23.16
CA ASN B 750 26.00 -22.44 22.06
C ASN B 750 25.34 -21.95 20.77
N LEU B 751 24.04 -22.24 20.59
CA LEU B 751 23.34 -21.76 19.41
C LEU B 751 23.13 -20.25 19.51
N LEU B 752 24.04 -19.48 18.90
CA LEU B 752 23.93 -18.03 18.94
C LEU B 752 22.76 -17.54 18.10
N PHE B 753 22.63 -18.04 16.87
CA PHE B 753 21.58 -17.61 15.96
C PHE B 753 20.43 -18.63 15.98
N LEU B 754 19.73 -18.67 17.11
CA LEU B 754 18.56 -19.53 17.30
C LEU B 754 17.38 -18.62 17.63
N SER B 755 16.68 -18.17 16.58
CA SER B 755 15.64 -17.17 16.75
C SER B 755 14.36 -17.76 17.34
N TYR B 756 14.02 -18.98 16.95
CA TYR B 756 12.73 -19.58 17.28
C TYR B 756 12.96 -21.06 17.62
N LEU B 757 12.55 -21.46 18.82
CA LEU B 757 12.63 -22.84 19.26
C LEU B 757 11.27 -23.26 19.81
N ASP B 758 10.38 -23.69 18.92
CA ASP B 758 9.05 -24.17 19.31
C ASP B 758 9.19 -25.60 19.81
N ILE B 759 9.13 -25.76 21.12
CA ILE B 759 9.26 -27.08 21.74
C ILE B 759 8.05 -27.29 22.64
N LYS B 760 6.94 -26.69 22.23
CA LYS B 760 5.67 -26.74 22.95
C LYS B 760 5.20 -28.15 23.23
N GLY B 761 4.70 -28.38 24.45
CA GLY B 761 4.08 -29.61 24.82
C GLY B 761 5.03 -30.77 25.01
N ASN B 762 6.33 -30.53 24.94
CA ASN B 762 7.30 -31.58 25.18
C ASN B 762 7.34 -31.93 26.66
N HIS B 763 7.52 -33.22 26.95
CA HIS B 763 7.64 -33.69 28.33
C HIS B 763 9.04 -33.35 28.82
N PHE B 764 9.15 -32.18 29.45
CA PHE B 764 10.39 -31.72 30.04
C PHE B 764 10.28 -31.74 31.56
N GLU B 765 11.43 -31.61 32.22
CA GLU B 765 11.46 -31.65 33.68
C GLU B 765 11.85 -30.30 34.27
N VAL B 766 13.03 -29.79 33.92
CA VAL B 766 13.58 -28.55 34.48
C VAL B 766 14.39 -27.87 33.39
N LEU B 767 14.16 -26.58 33.18
CA LEU B 767 14.95 -25.82 32.22
C LEU B 767 16.35 -25.58 32.77
N PRO B 768 17.39 -25.66 31.93
CA PRO B 768 18.74 -25.39 32.42
C PRO B 768 18.94 -23.89 32.63
N PRO B 769 20.01 -23.49 33.31
CA PRO B 769 20.27 -22.05 33.48
C PRO B 769 20.92 -21.39 32.27
N GLU B 770 21.28 -22.15 31.23
CA GLU B 770 22.02 -21.56 30.11
C GLU B 770 21.12 -20.96 29.04
N LEU B 771 19.85 -20.68 29.34
CA LEU B 771 19.02 -19.94 28.39
C LEU B 771 19.48 -18.49 28.26
N GLY B 772 20.15 -17.96 29.29
CA GLY B 772 20.73 -16.65 29.19
C GLY B 772 21.83 -16.57 28.14
N ASP B 773 22.56 -17.68 27.93
CA ASP B 773 23.57 -17.72 26.89
C ASP B 773 22.93 -17.69 25.50
N CYS B 774 21.70 -18.19 25.38
CA CYS B 774 20.97 -18.09 24.13
C CYS B 774 20.60 -16.64 23.86
N ARG B 775 21.02 -16.12 22.71
CA ARG B 775 20.84 -14.70 22.43
C ARG B 775 19.46 -14.39 21.88
N ALA B 776 18.83 -15.34 21.20
CA ALA B 776 17.57 -15.08 20.51
C ALA B 776 16.45 -16.03 20.90
N LEU B 777 16.46 -16.56 22.11
CA LEU B 777 15.40 -17.44 22.57
C LEU B 777 14.62 -16.76 23.70
N LYS B 778 13.31 -16.69 23.52
CA LYS B 778 12.41 -16.03 24.46
C LYS B 778 11.46 -17.05 25.07
N ARG B 779 10.67 -16.58 26.04
CA ARG B 779 9.54 -17.37 26.53
C ARG B 779 8.53 -17.57 25.42
N ALA B 780 8.31 -16.53 24.62
CA ALA B 780 7.49 -16.67 23.41
C ALA B 780 8.12 -17.63 22.41
N GLY B 781 9.43 -17.49 22.19
CA GLY B 781 10.12 -18.40 21.29
C GLY B 781 10.15 -19.82 21.82
N LEU B 782 10.60 -20.01 23.05
CA LEU B 782 10.55 -21.30 23.72
C LEU B 782 9.16 -21.46 24.33
N VAL B 783 8.17 -21.69 23.48
CA VAL B 783 6.82 -21.96 23.95
C VAL B 783 6.83 -23.32 24.63
N VAL B 784 6.34 -23.36 25.87
CA VAL B 784 6.32 -24.55 26.71
C VAL B 784 5.15 -24.43 27.67
N GLU B 785 4.83 -25.53 28.34
CA GLU B 785 3.85 -25.48 29.41
C GLU B 785 4.40 -24.67 30.58
N ASP B 786 3.50 -24.02 31.31
CA ASP B 786 3.89 -22.99 32.28
C ASP B 786 4.71 -23.57 33.43
N ALA B 787 4.49 -24.84 33.79
CA ALA B 787 5.28 -25.46 34.84
C ALA B 787 6.72 -25.69 34.39
N LEU B 788 6.97 -25.56 33.08
CA LEU B 788 8.35 -25.53 32.61
C LEU B 788 8.87 -24.09 32.56
N PHE B 789 7.98 -23.12 32.39
CA PHE B 789 8.39 -21.72 32.42
C PHE B 789 8.84 -21.31 33.82
N GLU B 790 8.22 -21.89 34.86
CA GLU B 790 8.52 -21.44 36.21
C GLU B 790 9.93 -21.83 36.67
N THR B 791 10.68 -22.56 35.84
CA THR B 791 12.00 -23.03 36.24
C THR B 791 13.15 -22.21 35.67
N LEU B 792 13.45 -21.05 36.28
CA LEU B 792 14.73 -20.38 36.07
C LEU B 792 15.23 -19.90 37.43
N PRO B 793 16.55 -19.88 37.64
CA PRO B 793 17.09 -19.36 38.90
C PRO B 793 16.81 -17.87 39.05
N SER B 794 16.79 -17.40 40.30
CA SER B 794 16.33 -16.05 40.60
C SER B 794 17.18 -14.97 39.93
N ASP B 795 18.51 -15.11 39.97
CA ASP B 795 19.37 -14.19 39.24
C ASP B 795 19.14 -14.31 37.74
N VAL B 796 18.83 -15.53 37.27
CA VAL B 796 18.50 -15.71 35.86
C VAL B 796 17.16 -15.05 35.54
N ARG B 797 16.22 -15.05 36.49
CA ARG B 797 15.00 -14.27 36.30
C ARG B 797 15.31 -12.78 36.20
N GLU B 798 16.24 -12.29 37.02
CA GLU B 798 16.62 -10.88 36.97
C GLU B 798 17.27 -10.54 35.63
N GLN B 799 18.03 -11.48 35.07
CA GLN B 799 18.70 -11.23 33.80
C GLN B 799 17.77 -11.50 32.61
N MET B 800 16.67 -12.21 32.86
CA MET B 800 15.81 -12.64 31.75
C MET B 800 14.62 -11.71 31.59
N LYS B 801 14.08 -11.20 32.70
CA LYS B 801 13.04 -10.18 32.61
C LYS B 801 13.57 -8.91 31.97
N ALA B 802 14.87 -8.67 32.07
CA ALA B 802 15.54 -7.61 31.32
C ALA B 802 16.21 -8.15 30.06
N ASP B 803 15.91 -9.39 29.69
CA ASP B 803 16.44 -10.05 28.48
C ASP B 803 17.97 -10.08 28.47
#